data_4DCX
#
_entry.id   4DCX
#
_cell.length_a   86.350
_cell.length_b   95.640
_cell.length_c   125.190
_cell.angle_alpha   90.00
_cell.angle_beta   90.00
_cell.angle_gamma   90.00
#
_symmetry.space_group_name_H-M   'P 21 21 21'
#
loop_
_entity.id
_entity.type
_entity.pdbx_description
1 polymer 'Nickel-binding periplasmic protein'
2 non-polymer 'SULFATE ION'
3 non-polymer 'ACETATE ION'
4 non-polymer GLYCEROL
5 non-polymer "{2,2'-[(1R,2R)-cyclohexane-1,2-diylbis{[(pyridin-2-yl-kappaN)methyl]imino-kappaN}]diacetato-kappaO(2-)}iron"
6 water water
#
_entity_poly.entity_id   1
_entity_poly.type   'polypeptide(L)'
_entity_poly.pdbx_seq_one_letter_code
;AAPDEITTAWPVNVGPLNPHLYTPNQMFAQSMVYEPLVKYQADGSVIPWLAKSWTHSEDGKTWTFTLRDDVKFSNGEPFD
AEAAAENFRAVLDNRQRHAWLELANQIVDVKALSKTELQITLKSAYYPFLQELALPRPFRFIAPSQFKNHETMNGIKAPI
GTGPWILQESKLNQYDVFVRNENYWGEKPAIKKITFNVIPDPTTRAVAFETGDIDLLYGNEGLLPLDTFARFSQNPAYHT
QLSQPIETVMLALNTAKAPTNELAVREALNYAVNKKSLIDNALYGTQQVADTLFAPSVPYANLGLKPSQYDPQKAKALLE
KAGWTLPAGKDIREKNGQPLRIELSFIGTDALSKSMAEIIQADMRQIGADVSLIGEEESSIYARQRDGRFGMIFHRTWGA
PYDPHAFLSSMRVPSHADFQAQQGLADKPLIDKEIGEVLATHDETQRQALYRDILTRLHDEAVYLPISYISMMVVSKPEL
GNIPYAPIATEIPFEQIKPVKP
;
_entity_poly.pdbx_strand_id   A,B
#
# COMPACT_ATOMS: atom_id res chain seq x y z
N PRO A 3 16.03 15.08 -21.01
CA PRO A 3 15.99 13.64 -21.29
C PRO A 3 16.33 12.83 -20.02
N ASP A 4 17.58 12.97 -19.58
CA ASP A 4 17.99 12.51 -18.26
C ASP A 4 18.02 13.74 -17.34
N GLU A 5 17.27 14.75 -17.75
CA GLU A 5 17.05 15.94 -16.94
C GLU A 5 15.55 16.15 -16.82
N ILE A 6 15.06 16.45 -15.63
CA ILE A 6 13.64 16.74 -15.49
C ILE A 6 13.39 18.02 -14.74
N THR A 7 12.21 18.59 -14.96
CA THR A 7 11.83 19.83 -14.30
C THR A 7 10.53 19.60 -13.58
N THR A 8 10.50 19.99 -12.32
CA THR A 8 9.31 19.77 -11.54
C THR A 8 9.03 21.08 -10.82
N ALA A 9 8.22 21.05 -9.78
CA ALA A 9 7.85 22.29 -9.12
C ALA A 9 7.67 22.06 -7.64
N TRP A 10 7.82 23.14 -6.88
CA TRP A 10 7.58 23.14 -5.45
C TRP A 10 7.14 24.54 -5.09
N PRO A 11 6.34 24.67 -4.03
CA PRO A 11 5.77 25.98 -3.69
C PRO A 11 6.83 26.98 -3.22
N VAL A 12 7.92 26.51 -2.62
CA VAL A 12 9.00 27.38 -2.15
C VAL A 12 10.38 26.81 -2.49
N ASN A 13 11.43 27.62 -2.30
CA ASN A 13 12.80 27.10 -2.42
C ASN A 13 13.06 26.07 -1.33
N VAL A 14 14.07 25.24 -1.53
CA VAL A 14 14.28 24.10 -0.63
C VAL A 14 14.79 24.52 0.75
N GLY A 15 15.25 25.77 0.86
CA GLY A 15 15.86 26.27 2.08
C GLY A 15 17.34 25.95 2.15
N PRO A 16 17.95 26.20 3.32
CA PRO A 16 19.41 26.06 3.35
C PRO A 16 19.87 24.62 3.36
N LEU A 17 18.97 23.67 3.60
CA LEU A 17 19.33 22.25 3.68
C LEU A 17 20.24 21.92 4.87
N ASN A 18 19.88 22.46 6.03
CA ASN A 18 20.47 22.00 7.26
C ASN A 18 19.78 20.69 7.59
N PRO A 19 20.54 19.59 7.73
CA PRO A 19 19.89 18.28 7.87
C PRO A 19 19.22 18.11 9.23
N HIS A 20 19.51 19.02 10.16
CA HIS A 20 19.14 18.84 11.56
C HIS A 20 18.06 19.82 12.03
N LEU A 21 17.57 20.68 11.13
CA LEU A 21 16.60 21.69 11.52
C LEU A 21 15.31 21.53 10.73
N TYR A 22 14.28 22.30 11.10
CA TYR A 22 12.97 22.18 10.48
C TYR A 22 12.75 23.33 9.49
N THR A 23 11.68 24.10 9.62
CA THR A 23 11.46 25.22 8.72
CA THR A 23 11.46 25.24 8.73
C THR A 23 12.70 26.12 8.70
N PRO A 24 13.06 26.63 7.51
CA PRO A 24 12.38 26.53 6.23
C PRO A 24 12.90 25.40 5.35
N ASN A 25 13.66 24.47 5.94
CA ASN A 25 14.15 23.32 5.20
C ASN A 25 13.01 22.42 4.71
N GLN A 26 12.99 22.15 3.42
CA GLN A 26 11.98 21.24 2.87
C GLN A 26 12.42 19.79 3.00
N MET A 27 11.59 18.97 3.65
CA MET A 27 11.96 17.60 3.96
C MET A 27 12.40 16.77 2.76
N PHE A 28 11.74 16.94 1.62
CA PHE A 28 12.06 16.11 0.45
C PHE A 28 13.47 16.37 -0.02
N ALA A 29 13.88 17.64 0.08
CA ALA A 29 15.24 18.05 -0.31
C ALA A 29 16.30 17.54 0.70
N GLN A 30 16.02 17.65 2.00
CA GLN A 30 16.91 17.06 3.00
C GLN A 30 17.11 15.58 2.72
N SER A 31 16.03 14.90 2.36
CA SER A 31 16.10 13.48 2.06
C SER A 31 16.84 13.17 0.75
N MET A 32 16.90 14.14 -0.16
CA MET A 32 17.63 13.90 -1.41
C MET A 32 19.14 13.94 -1.15
N VAL A 33 19.55 14.82 -0.24
CA VAL A 33 20.98 15.08 -0.01
C VAL A 33 21.58 14.28 1.14
N TYR A 34 20.83 14.11 2.22
CA TYR A 34 21.33 13.43 3.42
C TYR A 34 20.74 12.03 3.59
N GLU A 35 21.50 11.16 4.24
CA GLU A 35 21.13 9.75 4.37
C GLU A 35 21.17 9.27 5.82
N PRO A 36 20.35 8.25 6.15
CA PRO A 36 20.26 7.62 7.47
C PRO A 36 21.19 6.43 7.62
N LEU A 37 21.42 6.00 8.86
CA LEU A 37 22.20 4.79 9.10
C LEU A 37 21.48 3.56 8.52
N VAL A 38 20.16 3.57 8.61
CA VAL A 38 19.32 2.49 8.09
C VAL A 38 18.12 3.06 7.35
N LYS A 39 17.59 2.29 6.42
CA LYS A 39 16.62 2.85 5.50
C LYS A 39 15.25 2.18 5.61
N TYR A 40 14.21 3.00 5.74
CA TYR A 40 12.86 2.50 5.86
C TYR A 40 12.34 1.89 4.56
N GLN A 41 11.64 0.77 4.67
CA GLN A 41 11.09 0.07 3.50
C GLN A 41 9.57 0.01 3.57
N ALA A 42 8.92 -0.15 2.42
CA ALA A 42 7.46 -0.20 2.37
C ALA A 42 6.85 -1.24 3.32
N ASP A 43 7.56 -2.33 3.57
CA ASP A 43 6.98 -3.39 4.37
C ASP A 43 7.10 -3.10 5.87
N GLY A 44 7.63 -1.94 6.21
CA GLY A 44 7.69 -1.51 7.59
C GLY A 44 9.03 -1.79 8.27
N SER A 45 9.88 -2.55 7.60
CA SER A 45 11.18 -2.86 8.14
C SER A 45 12.17 -1.76 7.76
N VAL A 46 13.40 -1.89 8.22
CA VAL A 46 14.49 -1.06 7.73
C VAL A 46 15.56 -1.97 7.15
N ILE A 47 16.38 -1.43 6.26
CA ILE A 47 17.52 -2.19 5.78
C ILE A 47 18.81 -1.43 6.12
N PRO A 48 19.93 -2.16 6.16
CA PRO A 48 21.24 -1.53 6.24
C PRO A 48 21.36 -0.42 5.22
N TRP A 49 21.95 0.70 5.61
CA TRP A 49 22.18 1.78 4.67
C TRP A 49 23.61 2.29 4.91
N LEU A 50 23.78 3.45 5.52
CA LEU A 50 25.14 3.87 5.89
C LEU A 50 25.77 2.90 6.91
N ALA A 51 24.92 2.25 7.69
CA ALA A 51 25.35 1.15 8.54
C ALA A 51 25.11 -0.16 7.81
N LYS A 52 26.15 -0.99 7.75
CA LYS A 52 26.06 -2.32 7.13
C LYS A 52 25.33 -3.31 8.00
N SER A 53 25.54 -3.21 9.31
CA SER A 53 25.00 -4.19 10.23
C SER A 53 25.00 -3.60 11.62
N TRP A 54 24.35 -4.27 12.55
CA TRP A 54 24.33 -3.80 13.93
C TRP A 54 24.00 -4.93 14.91
N THR A 55 24.45 -4.74 16.15
CA THR A 55 24.10 -5.63 17.24
C THR A 55 23.57 -4.79 18.38
N HIS A 56 22.80 -5.42 19.26
CA HIS A 56 22.36 -4.75 20.47
C HIS A 56 22.60 -5.63 21.69
N SER A 57 22.76 -4.97 22.84
CA SER A 57 22.94 -5.67 24.10
C SER A 57 21.66 -6.42 24.47
N GLU A 58 21.76 -7.28 25.47
CA GLU A 58 20.64 -8.10 25.89
C GLU A 58 19.52 -7.25 26.49
N ASP A 59 19.88 -6.18 27.18
CA ASP A 59 18.88 -5.30 27.78
C ASP A 59 18.25 -4.32 26.78
N GLY A 60 18.73 -4.35 25.55
CA GLY A 60 18.18 -3.54 24.47
C GLY A 60 18.58 -2.07 24.51
N LYS A 61 19.50 -1.70 25.40
CA LYS A 61 19.85 -0.30 25.58
C LYS A 61 21.11 0.13 24.84
N THR A 62 21.99 -0.81 24.53
CA THR A 62 23.24 -0.46 23.84
C THR A 62 23.30 -1.06 22.42
N TRP A 63 23.53 -0.19 21.44
CA TRP A 63 23.54 -0.61 20.04
C TRP A 63 24.86 -0.27 19.38
N THR A 64 25.40 -1.22 18.64
CA THR A 64 26.66 -0.99 17.96
C THR A 64 26.49 -1.17 16.45
N PHE A 65 26.74 -0.09 15.72
CA PHE A 65 26.57 -0.12 14.28
C PHE A 65 27.93 -0.26 13.65
N THR A 66 28.05 -1.21 12.72
CA THR A 66 29.22 -1.31 11.87
C THR A 66 28.91 -0.53 10.60
N LEU A 67 29.68 0.52 10.35
CA LEU A 67 29.43 1.40 9.22
C LEU A 67 30.11 0.92 7.95
N ARG A 68 29.55 1.24 6.80
CA ARG A 68 30.24 1.04 5.53
C ARG A 68 31.56 1.77 5.57
N ASP A 69 32.56 1.25 4.85
CA ASP A 69 33.88 1.88 4.91
C ASP A 69 34.25 2.55 3.60
N ASP A 70 33.31 2.55 2.66
CA ASP A 70 33.57 3.07 1.32
C ASP A 70 32.73 4.31 1.00
N VAL A 71 32.20 4.97 2.03
CA VAL A 71 31.31 6.09 1.79
C VAL A 71 32.02 7.43 1.94
N LYS A 72 31.85 8.30 0.95
CA LYS A 72 32.39 9.65 1.06
C LYS A 72 31.29 10.70 0.94
N PHE A 73 31.40 11.77 1.73
CA PHE A 73 30.57 12.94 1.50
C PHE A 73 30.85 13.46 0.11
N SER A 74 29.92 14.22 -0.45
CA SER A 74 30.02 14.66 -1.84
C SER A 74 31.28 15.51 -2.10
N ASN A 75 31.86 16.04 -1.02
CA ASN A 75 33.06 16.86 -1.10
C ASN A 75 34.35 16.06 -0.93
N GLY A 76 34.23 14.73 -0.97
CA GLY A 76 35.39 13.86 -0.86
C GLY A 76 35.81 13.48 0.55
N GLU A 77 35.32 14.20 1.56
CA GLU A 77 35.65 13.87 2.94
C GLU A 77 34.95 12.57 3.33
N PRO A 78 35.61 11.74 4.17
CA PRO A 78 35.09 10.41 4.46
C PRO A 78 33.92 10.42 5.44
N PHE A 79 32.94 9.54 5.22
CA PHE A 79 31.94 9.31 6.24
C PHE A 79 32.47 8.18 7.12
N ASP A 80 32.66 8.45 8.40
CA ASP A 80 33.07 7.42 9.34
C ASP A 80 32.37 7.60 10.68
N ALA A 81 32.66 6.73 11.64
CA ALA A 81 31.96 6.80 12.93
C ALA A 81 32.16 8.15 13.61
N GLU A 82 33.34 8.73 13.44
CA GLU A 82 33.61 10.02 14.05
C GLU A 82 32.64 11.06 13.51
N ALA A 83 32.50 11.06 12.19
CA ALA A 83 31.59 11.99 11.52
C ALA A 83 30.16 11.76 12.01
N ALA A 84 29.78 10.49 12.14
CA ALA A 84 28.44 10.17 12.62
C ALA A 84 28.21 10.66 14.04
N ALA A 85 29.13 10.31 14.94
CA ALA A 85 29.04 10.75 16.34
C ALA A 85 28.95 12.27 16.46
N GLU A 86 29.73 13.00 15.68
CA GLU A 86 29.67 14.47 15.71
C GLU A 86 28.30 14.98 15.29
N ASN A 87 27.70 14.30 14.33
CA ASN A 87 26.36 14.68 13.89
C ASN A 87 25.34 14.47 15.01
N PHE A 88 25.42 13.32 15.69
CA PHE A 88 24.51 13.07 16.81
C PHE A 88 24.71 14.10 17.90
N ARG A 89 25.97 14.46 18.16
CA ARG A 89 26.22 15.52 19.12
C ARG A 89 25.54 16.82 18.69
N ALA A 90 25.67 17.17 17.42
CA ALA A 90 25.13 18.44 16.94
C ALA A 90 23.62 18.44 17.06
N VAL A 91 23.00 17.29 16.80
CA VAL A 91 21.56 17.20 16.91
C VAL A 91 21.12 17.36 18.37
N LEU A 92 21.78 16.62 19.26
CA LEU A 92 21.33 16.54 20.66
C LEU A 92 21.67 17.81 21.44
N ASP A 93 22.60 18.60 20.93
CA ASP A 93 22.83 19.94 21.49
C ASP A 93 21.59 20.80 21.32
N ASN A 94 20.72 20.42 20.39
CA ASN A 94 19.48 21.13 20.14
C ASN A 94 18.31 20.25 20.55
N ARG A 95 18.56 19.34 21.47
CA ARG A 95 17.62 18.29 21.88
CA ARG A 95 17.60 18.29 21.78
C ARG A 95 16.22 18.82 22.18
N GLN A 96 16.15 19.99 22.78
CA GLN A 96 14.84 20.53 23.15
C GLN A 96 13.91 20.68 21.95
N ARG A 97 14.47 20.99 20.79
CA ARG A 97 13.69 21.17 19.60
C ARG A 97 13.19 19.83 19.02
N HIS A 98 13.77 18.73 19.50
CA HIS A 98 13.40 17.40 19.00
C HIS A 98 12.59 16.56 19.99
N ALA A 99 12.09 17.18 21.05
CA ALA A 99 11.47 16.41 22.13
C ALA A 99 10.18 15.71 21.73
N TRP A 100 9.57 16.15 20.63
CA TRP A 100 8.37 15.50 20.14
C TRP A 100 8.69 14.07 19.69
N LEU A 101 9.96 13.86 19.36
CA LEU A 101 10.45 12.59 18.84
CA LEU A 101 10.43 12.58 18.85
C LEU A 101 11.18 11.83 19.95
N GLU A 102 10.59 10.74 20.42
CA GLU A 102 11.09 10.12 21.64
C GLU A 102 12.54 9.63 21.56
N LEU A 103 12.99 9.23 20.37
CA LEU A 103 14.39 8.83 20.22
C LEU A 103 15.33 9.92 20.73
N ALA A 104 14.97 11.18 20.53
CA ALA A 104 15.85 12.30 20.91
C ALA A 104 15.97 12.43 22.41
N ASN A 105 14.96 11.95 23.13
CA ASN A 105 14.98 11.97 24.59
C ASN A 105 15.67 10.73 25.10
N GLN A 106 15.66 9.68 24.28
CA GLN A 106 16.21 8.40 24.69
C GLN A 106 17.73 8.27 24.60
N ILE A 107 18.35 8.99 23.68
CA ILE A 107 19.77 8.78 23.44
C ILE A 107 20.55 9.41 24.57
N VAL A 108 21.37 8.61 25.24
CA VAL A 108 22.12 9.11 26.39
C VAL A 108 23.62 9.23 26.04
N ASP A 109 24.07 8.43 25.07
CA ASP A 109 25.46 8.55 24.62
C ASP A 109 25.64 8.05 23.20
N VAL A 110 26.51 8.72 22.45
CA VAL A 110 26.93 8.25 21.13
C VAL A 110 28.43 8.40 21.04
N LYS A 111 29.13 7.32 20.75
CA LYS A 111 30.58 7.43 20.57
C LYS A 111 31.12 6.50 19.51
N ALA A 112 32.18 6.96 18.85
CA ALA A 112 32.83 6.18 17.82
C ALA A 112 33.79 5.25 18.53
N LEU A 113 33.64 3.94 18.33
CA LEU A 113 34.56 3.00 18.95
C LEU A 113 35.76 2.76 18.02
N SER A 114 35.57 3.10 16.75
CA SER A 114 36.63 3.04 15.75
C SER A 114 36.11 3.74 14.52
N LYS A 115 36.85 3.69 13.41
CA LYS A 115 36.43 4.36 12.20
C LYS A 115 35.13 3.77 11.66
N THR A 116 34.88 2.51 11.99
CA THR A 116 33.74 1.79 11.43
C THR A 116 32.73 1.32 12.47
N GLU A 117 33.00 1.52 13.75
CA GLU A 117 32.05 1.10 14.78
C GLU A 117 31.45 2.28 15.53
N LEU A 118 30.13 2.42 15.46
CA LEU A 118 29.41 3.49 16.16
C LEU A 118 28.53 2.92 17.27
N GLN A 119 28.73 3.38 18.50
CA GLN A 119 27.95 2.90 19.64
C GLN A 119 26.93 3.93 20.12
N ILE A 120 25.68 3.51 20.23
CA ILE A 120 24.62 4.38 20.70
C ILE A 120 23.99 3.73 21.91
N THR A 121 23.91 4.49 23.00
CA THR A 121 23.30 4.03 24.24
C THR A 121 22.00 4.76 24.51
N LEU A 122 20.96 4.01 24.89
CA LEU A 122 19.64 4.58 25.14
C LEU A 122 19.28 4.45 26.60
N LYS A 123 18.35 5.26 27.08
CA LYS A 123 18.03 5.14 28.50
C LYS A 123 17.03 4.03 28.77
N SER A 124 16.37 3.54 27.73
CA SER A 124 15.50 2.37 27.84
C SER A 124 15.57 1.57 26.54
N ALA A 125 14.96 0.38 26.52
CA ALA A 125 14.85 -0.41 25.30
C ALA A 125 13.78 0.15 24.36
N TYR A 126 14.12 1.24 23.69
CA TYR A 126 13.17 1.97 22.84
C TYR A 126 12.91 1.20 21.55
N TYR A 127 11.72 0.60 21.41
CA TYR A 127 11.45 -0.29 20.28
C TYR A 127 11.52 0.34 18.87
N PRO A 128 11.03 1.59 18.72
CA PRO A 128 11.04 2.21 17.38
C PRO A 128 12.38 2.86 17.07
N PHE A 129 13.43 2.42 17.74
CA PHE A 129 14.78 2.99 17.55
C PHE A 129 15.18 3.09 16.07
N LEU A 130 15.10 1.97 15.34
CA LEU A 130 15.61 1.92 13.97
C LEU A 130 14.74 2.75 13.01
N GLN A 131 13.43 2.71 13.24
CA GLN A 131 12.50 3.47 12.41
C GLN A 131 12.73 4.98 12.54
N GLU A 132 13.09 5.43 13.72
CA GLU A 132 13.31 6.87 13.90
C GLU A 132 14.67 7.31 13.36
N LEU A 133 15.66 6.44 13.43
CA LEU A 133 16.92 6.69 12.75
C LEU A 133 16.70 6.87 11.23
N ALA A 134 15.65 6.25 10.72
CA ALA A 134 15.38 6.24 9.28
C ALA A 134 14.68 7.50 8.75
N LEU A 135 14.18 8.33 9.65
CA LEU A 135 13.37 9.49 9.26
C LEU A 135 14.20 10.49 8.46
N PRO A 136 13.51 11.35 7.68
CA PRO A 136 14.22 12.38 6.91
C PRO A 136 15.06 13.32 7.79
N ARG A 137 14.62 13.54 9.02
CA ARG A 137 15.34 14.40 9.96
C ARG A 137 14.87 14.05 11.38
N PRO A 138 15.71 14.30 12.38
CA PRO A 138 16.99 15.00 12.30
C PRO A 138 18.24 14.10 12.23
N PHE A 139 18.09 12.78 12.23
CA PHE A 139 19.28 11.94 12.37
C PHE A 139 20.03 11.57 11.08
N ARG A 140 20.30 12.56 10.22
CA ARG A 140 21.07 12.31 9.00
C ARG A 140 22.36 13.13 8.98
N PHE A 141 23.27 12.83 8.06
CA PHE A 141 24.67 13.24 8.24
C PHE A 141 25.23 14.24 7.26
N ILE A 142 25.65 15.38 7.81
CA ILE A 142 26.34 16.38 7.02
C ILE A 142 27.82 16.27 7.35
N ALA A 143 28.68 16.57 6.37
CA ALA A 143 30.12 16.62 6.59
C ALA A 143 30.46 17.53 7.77
N PRO A 144 31.11 16.98 8.81
CA PRO A 144 31.39 17.82 9.97
C PRO A 144 32.22 19.06 9.64
N SER A 145 33.01 19.02 8.58
CA SER A 145 33.73 20.22 8.14
C SER A 145 32.76 21.38 7.85
N GLN A 146 31.48 21.05 7.62
CA GLN A 146 30.50 22.09 7.29
C GLN A 146 29.69 22.62 8.48
N PHE A 147 29.99 22.17 9.70
CA PHE A 147 29.42 22.78 10.91
C PHE A 147 29.87 24.25 11.00
N LYS A 148 29.10 25.07 11.71
CA LYS A 148 29.53 26.44 12.03
C LYS A 148 29.77 26.55 13.54
N ASN A 149 30.99 26.95 13.92
CA ASN A 149 31.35 27.02 15.33
CA ASN A 149 31.38 27.00 15.33
C ASN A 149 31.03 25.71 16.04
N HIS A 150 31.44 24.59 15.44
CA HIS A 150 31.24 23.28 16.04
C HIS A 150 29.79 22.83 16.25
N GLU A 151 28.84 23.52 15.63
CA GLU A 151 27.43 23.14 15.77
CA GLU A 151 27.43 23.16 15.77
C GLU A 151 26.71 23.16 14.41
N THR A 152 25.47 22.70 14.41
CA THR A 152 24.62 22.84 13.23
C THR A 152 23.38 23.62 13.60
N MET A 153 23.08 23.65 14.90
CA MET A 153 21.87 24.31 15.38
CA MET A 153 21.89 24.32 15.42
C MET A 153 21.84 25.80 15.03
N ASN A 154 23.00 26.41 14.86
CA ASN A 154 23.02 27.82 14.46
C ASN A 154 23.48 27.99 13.02
N GLY A 155 23.21 26.97 12.20
CA GLY A 155 23.49 27.07 10.78
C GLY A 155 24.63 26.18 10.34
N ILE A 156 24.73 25.99 9.02
CA ILE A 156 25.80 25.21 8.43
C ILE A 156 26.48 26.04 7.36
N LYS A 157 27.56 25.51 6.79
CA LYS A 157 28.22 26.14 5.65
C LYS A 157 27.60 25.59 4.36
N ALA A 158 28.30 24.70 3.66
CA ALA A 158 27.73 24.07 2.48
C ALA A 158 26.93 22.83 2.90
N PRO A 159 25.80 22.56 2.23
CA PRO A 159 24.94 21.42 2.57
C PRO A 159 25.48 20.10 1.99
N ILE A 160 26.59 19.64 2.55
CA ILE A 160 27.29 18.47 2.03
C ILE A 160 26.87 17.16 2.69
N GLY A 161 26.14 16.35 1.94
CA GLY A 161 25.71 15.04 2.42
C GLY A 161 26.37 13.91 1.66
N THR A 162 25.90 12.69 1.90
CA THR A 162 26.48 11.52 1.25
C THR A 162 25.54 11.00 0.17
N GLY A 163 24.39 11.64 0.02
CA GLY A 163 23.34 11.12 -0.82
C GLY A 163 23.55 11.24 -2.32
N PRO A 164 22.60 10.70 -3.10
CA PRO A 164 22.76 10.61 -4.57
C PRO A 164 22.49 11.94 -5.29
N TRP A 165 22.12 12.99 -4.55
CA TRP A 165 21.87 14.28 -5.16
C TRP A 165 22.65 15.36 -4.46
N ILE A 166 23.08 16.36 -5.22
CA ILE A 166 23.85 17.46 -4.66
C ILE A 166 23.16 18.74 -5.08
N LEU A 167 22.94 19.65 -4.14
CA LEU A 167 22.35 20.94 -4.49
C LEU A 167 23.34 21.71 -5.37
N GLN A 168 22.94 21.99 -6.61
CA GLN A 168 23.84 22.70 -7.51
C GLN A 168 23.76 24.20 -7.27
N GLU A 169 22.55 24.72 -7.36
CA GLU A 169 22.33 26.14 -7.12
C GLU A 169 20.88 26.39 -6.71
N SER A 170 20.67 27.48 -5.98
CA SER A 170 19.36 27.83 -5.46
C SER A 170 19.12 29.28 -5.87
N LYS A 171 18.19 29.47 -6.81
CA LYS A 171 17.83 30.81 -7.27
C LYS A 171 16.47 31.21 -6.67
N LEU A 172 16.51 32.07 -5.67
CA LEU A 172 15.32 32.52 -4.94
C LEU A 172 14.12 32.87 -5.82
N ASN A 173 12.98 32.25 -5.53
CA ASN A 173 11.72 32.52 -6.22
C ASN A 173 11.75 32.17 -7.69
N GLN A 174 12.75 31.42 -8.08
CA GLN A 174 12.85 30.98 -9.45
C GLN A 174 12.96 29.46 -9.49
N TYR A 175 14.05 28.92 -8.98
CA TYR A 175 14.26 27.50 -9.05
C TYR A 175 15.44 27.02 -8.22
N ASP A 176 15.43 25.74 -7.88
CA ASP A 176 16.52 25.08 -7.21
C ASP A 176 16.98 23.93 -8.10
N VAL A 177 18.28 23.79 -8.28
CA VAL A 177 18.76 22.75 -9.17
C VAL A 177 19.59 21.74 -8.40
N PHE A 178 19.30 20.46 -8.61
CA PHE A 178 20.09 19.38 -8.03
C PHE A 178 20.68 18.59 -9.16
N VAL A 179 21.92 18.13 -8.99
CA VAL A 179 22.50 17.25 -9.98
C VAL A 179 22.88 15.95 -9.30
N ARG A 180 23.01 14.90 -10.11
CA ARG A 180 23.42 13.58 -9.63
C ARG A 180 24.79 13.63 -8.94
N ASN A 181 24.93 12.92 -7.82
CA ASN A 181 26.23 12.74 -7.17
C ASN A 181 27.05 11.70 -7.92
N GLU A 182 28.06 12.14 -8.67
CA GLU A 182 28.78 11.21 -9.53
C GLU A 182 29.72 10.30 -8.75
N ASN A 183 29.83 10.55 -7.44
CA ASN A 183 30.71 9.76 -6.58
C ASN A 183 29.93 9.15 -5.42
N TYR A 184 28.66 8.88 -5.69
CA TYR A 184 27.74 8.28 -4.73
C TYR A 184 28.10 6.82 -4.44
N TRP A 185 28.06 6.44 -3.18
CA TRP A 185 28.44 5.08 -2.81
C TRP A 185 27.51 4.01 -3.39
N GLY A 186 26.28 4.40 -3.67
CA GLY A 186 25.25 3.44 -4.04
C GLY A 186 24.90 3.39 -5.51
N GLU A 187 23.64 3.05 -5.79
CA GLU A 187 23.15 2.95 -7.15
C GLU A 187 23.14 4.33 -7.81
N LYS A 188 23.59 4.42 -9.05
CA LYS A 188 23.57 5.69 -9.78
C LYS A 188 22.18 5.96 -10.37
N PRO A 189 21.58 7.09 -9.99
CA PRO A 189 20.30 7.49 -10.57
C PRO A 189 20.44 7.67 -12.08
N ALA A 190 19.40 7.34 -12.83
CA ALA A 190 19.39 7.57 -14.27
C ALA A 190 19.26 9.05 -14.59
N ILE A 191 18.47 9.77 -13.79
CA ILE A 191 18.30 11.21 -13.96
C ILE A 191 19.57 11.91 -13.49
N LYS A 192 20.03 12.88 -14.27
CA LYS A 192 21.28 13.56 -14.00
C LYS A 192 21.06 14.94 -13.39
N LYS A 193 19.88 15.50 -13.62
CA LYS A 193 19.60 16.84 -13.14
C LYS A 193 18.11 16.98 -12.87
N ILE A 194 17.78 17.64 -11.78
CA ILE A 194 16.39 17.92 -11.44
C ILE A 194 16.23 19.40 -11.09
N THR A 195 15.39 20.10 -11.84
CA THR A 195 15.14 21.51 -11.58
C THR A 195 13.78 21.69 -10.91
N PHE A 196 13.74 22.33 -9.75
CA PHE A 196 12.46 22.64 -9.09
C PHE A 196 12.11 24.09 -9.32
N ASN A 197 11.13 24.32 -10.18
CA ASN A 197 10.56 25.64 -10.37
C ASN A 197 9.73 26.02 -9.15
N VAL A 198 9.99 27.20 -8.60
CA VAL A 198 9.22 27.68 -7.45
C VAL A 198 7.86 28.22 -7.89
N ILE A 199 6.79 27.49 -7.57
CA ILE A 199 5.43 27.86 -7.99
C ILE A 199 4.44 27.64 -6.86
N PRO A 200 4.12 28.70 -6.11
CA PRO A 200 3.35 28.56 -4.87
C PRO A 200 1.87 28.24 -5.05
N ASP A 201 1.32 28.58 -6.20
CA ASP A 201 -0.13 28.50 -6.41
C ASP A 201 -0.51 27.18 -7.08
N PRO A 202 -1.49 26.47 -6.51
CA PRO A 202 -1.91 25.16 -7.03
C PRO A 202 -2.35 25.24 -8.51
N THR A 203 -3.15 26.24 -8.85
CA THR A 203 -3.62 26.39 -10.22
C THR A 203 -2.46 26.68 -11.16
N THR A 204 -1.53 27.53 -10.74
CA THR A 204 -0.38 27.87 -11.56
C THR A 204 0.51 26.65 -11.80
N ARG A 205 0.60 25.76 -10.82
CA ARG A 205 1.35 24.53 -11.00
C ARG A 205 0.70 23.69 -12.11
N ALA A 206 -0.61 23.55 -12.05
CA ALA A 206 -1.37 22.83 -13.09
C ALA A 206 -1.15 23.46 -14.47
N VAL A 207 -1.26 24.77 -14.55
CA VAL A 207 -1.00 25.47 -15.81
C VAL A 207 0.42 25.23 -16.29
N ALA A 208 1.37 25.31 -15.38
CA ALA A 208 2.78 25.05 -15.68
C ALA A 208 2.93 23.66 -16.29
N PHE A 209 2.26 22.68 -15.71
CA PHE A 209 2.29 21.35 -16.28
C PHE A 209 1.61 21.29 -17.65
N GLU A 210 0.40 21.84 -17.75
CA GLU A 210 -0.36 21.79 -19.02
C GLU A 210 0.42 22.34 -20.20
N THR A 211 1.16 23.42 -19.95
CA THR A 211 1.90 24.10 -20.99
C THR A 211 3.23 23.40 -21.29
N GLY A 212 3.60 22.46 -20.44
CA GLY A 212 4.81 21.69 -20.67
C GLY A 212 6.04 22.29 -20.02
N ASP A 213 5.87 23.40 -19.31
CA ASP A 213 6.97 24.00 -18.57
C ASP A 213 7.60 23.06 -17.55
N ILE A 214 6.79 22.26 -16.86
CA ILE A 214 7.34 21.27 -15.94
C ILE A 214 6.98 19.85 -16.36
N ASP A 215 7.78 18.87 -15.98
CA ASP A 215 7.57 17.50 -16.42
C ASP A 215 6.80 16.63 -15.43
N LEU A 216 6.70 17.09 -14.20
CA LEU A 216 6.34 16.21 -13.09
C LEU A 216 5.80 16.99 -11.90
N LEU A 217 4.72 16.48 -11.32
CA LEU A 217 4.20 16.98 -10.05
C LEU A 217 3.97 15.74 -9.16
N TYR A 218 4.41 15.82 -7.91
CA TYR A 218 4.36 14.68 -7.01
C TYR A 218 4.09 15.20 -5.61
N GLY A 219 2.97 14.82 -4.99
CA GLY A 219 2.64 15.38 -3.70
C GLY A 219 1.33 14.85 -3.14
N ASN A 220 0.84 15.48 -2.08
CA ASN A 220 -0.39 15.01 -1.46
C ASN A 220 -1.62 15.66 -2.09
N GLU A 221 -2.72 15.69 -1.36
CA GLU A 221 -3.99 16.18 -1.91
C GLU A 221 -3.98 17.69 -2.29
N GLY A 222 -2.98 18.43 -1.82
CA GLY A 222 -2.88 19.84 -2.16
C GLY A 222 -1.99 20.12 -3.38
N LEU A 223 -1.54 19.05 -4.04
CA LEU A 223 -0.64 19.19 -5.19
C LEU A 223 -1.15 20.14 -6.26
N LEU A 224 -2.37 19.89 -6.72
CA LEU A 224 -3.02 20.77 -7.68
C LEU A 224 -4.52 20.66 -7.47
N PRO A 225 -5.32 21.53 -8.12
CA PRO A 225 -6.76 21.41 -7.93
C PRO A 225 -7.26 20.04 -8.35
N LEU A 226 -8.16 19.46 -7.55
CA LEU A 226 -8.59 18.09 -7.77
C LEU A 226 -9.51 17.91 -8.98
N ASP A 227 -10.30 18.93 -9.32
CA ASP A 227 -11.08 18.87 -10.56
C ASP A 227 -10.12 18.75 -11.75
N THR A 228 -9.08 19.57 -11.74
CA THR A 228 -8.05 19.54 -12.77
C THR A 228 -7.33 18.19 -12.80
N PHE A 229 -6.97 17.68 -11.63
CA PHE A 229 -6.40 16.34 -11.57
C PHE A 229 -7.32 15.30 -12.23
N ALA A 230 -8.61 15.34 -11.90
CA ALA A 230 -9.57 14.42 -12.52
C ALA A 230 -9.57 14.56 -14.04
N ARG A 231 -9.58 15.81 -14.51
CA ARG A 231 -9.57 16.04 -15.95
CA ARG A 231 -9.57 16.04 -15.95
C ARG A 231 -8.29 15.49 -16.58
N PHE A 232 -7.15 15.77 -15.95
CA PHE A 232 -5.87 15.25 -16.45
C PHE A 232 -5.87 13.72 -16.58
N SER A 233 -6.52 13.04 -15.64
CA SER A 233 -6.52 11.58 -15.64
CA SER A 233 -6.56 11.58 -15.61
C SER A 233 -7.23 10.97 -16.85
N GLN A 234 -8.08 11.76 -17.51
CA GLN A 234 -8.81 11.29 -18.68
C GLN A 234 -8.18 11.75 -19.99
N ASN A 235 -7.16 12.58 -19.90
CA ASN A 235 -6.49 13.10 -21.08
C ASN A 235 -5.24 12.29 -21.40
N PRO A 236 -5.27 11.55 -22.52
CA PRO A 236 -4.19 10.67 -22.98
C PRO A 236 -2.85 11.38 -23.21
N ALA A 237 -2.86 12.70 -23.32
CA ALA A 237 -1.61 13.44 -23.48
C ALA A 237 -0.80 13.44 -22.18
N TYR A 238 -1.47 13.17 -21.07
CA TYR A 238 -0.83 13.29 -19.76
C TYR A 238 -0.83 11.91 -19.09
N HIS A 239 -0.04 11.78 -18.03
CA HIS A 239 -0.08 10.60 -17.18
C HIS A 239 -0.43 11.03 -15.76
N THR A 240 -1.31 10.30 -15.09
CA THR A 240 -1.57 10.59 -13.69
C THR A 240 -1.58 9.30 -12.90
N GLN A 241 -1.37 9.44 -11.59
CA GLN A 241 -1.39 8.32 -10.63
C GLN A 241 -2.00 8.77 -9.33
N LEU A 242 -2.62 7.82 -8.63
CA LEU A 242 -3.12 8.06 -7.29
C LEU A 242 -2.76 6.84 -6.44
N SER A 243 -1.96 7.04 -5.41
CA SER A 243 -1.45 5.93 -4.60
C SER A 243 -2.53 5.39 -3.67
N GLN A 244 -2.23 4.29 -2.99
CA GLN A 244 -3.08 3.88 -1.88
CA GLN A 244 -3.02 3.84 -1.85
C GLN A 244 -2.88 4.88 -0.74
N PRO A 245 -3.84 4.98 0.19
CA PRO A 245 -3.77 6.03 1.21
C PRO A 245 -2.53 5.97 2.08
N ILE A 246 -2.08 7.12 2.56
CA ILE A 246 -0.86 7.19 3.34
C ILE A 246 -1.07 7.75 4.75
N GLU A 247 -2.14 8.53 4.94
CA GLU A 247 -2.38 9.13 6.26
C GLU A 247 -3.80 9.68 6.41
N THR A 248 -4.16 10.06 7.62
CA THR A 248 -5.50 10.55 7.92
C THR A 248 -5.57 12.08 7.98
N VAL A 249 -6.66 12.63 7.45
CA VAL A 249 -7.02 14.01 7.66
C VAL A 249 -8.23 13.99 8.59
N MET A 250 -8.17 14.77 9.67
CA MET A 250 -9.22 14.78 10.69
CA MET A 250 -9.27 14.82 10.63
C MET A 250 -9.28 16.12 11.41
N LEU A 251 -10.38 16.37 12.11
CA LEU A 251 -10.47 17.47 13.05
C LEU A 251 -10.00 16.93 14.40
N ALA A 252 -9.32 17.78 15.17
CA ALA A 252 -9.13 17.53 16.60
C ALA A 252 -10.15 18.40 17.31
N LEU A 253 -10.84 17.83 18.30
CA LEU A 253 -11.88 18.53 19.03
C LEU A 253 -11.36 18.84 20.42
N ASN A 254 -11.59 20.06 20.88
CA ASN A 254 -10.99 20.49 22.14
C ASN A 254 -11.79 20.01 23.34
N THR A 255 -11.36 18.90 23.94
CA THR A 255 -12.07 18.36 25.08
C THR A 255 -11.99 19.26 26.33
N ALA A 256 -11.19 20.32 26.26
CA ALA A 256 -11.05 21.21 27.41
C ALA A 256 -11.68 22.59 27.19
N LYS A 257 -12.42 22.75 26.10
CA LYS A 257 -13.11 24.02 25.83
C LYS A 257 -14.58 23.78 25.52
N ALA A 258 -15.48 24.50 26.19
CA ALA A 258 -16.90 24.42 25.87
C ALA A 258 -17.12 24.87 24.43
N PRO A 259 -18.10 24.26 23.73
CA PRO A 259 -18.93 23.14 24.18
C PRO A 259 -18.34 21.79 23.80
N THR A 260 -17.18 21.77 23.14
CA THR A 260 -16.57 20.49 22.76
C THR A 260 -16.00 19.74 23.96
N ASN A 261 -16.08 20.36 25.14
CA ASN A 261 -15.64 19.69 26.36
C ASN A 261 -16.63 18.59 26.76
N GLU A 262 -17.82 18.61 26.16
CA GLU A 262 -18.84 17.61 26.47
C GLU A 262 -18.79 16.42 25.54
N LEU A 263 -18.64 15.23 26.12
CA LEU A 263 -18.61 14.01 25.34
C LEU A 263 -19.78 13.93 24.36
N ALA A 264 -20.97 14.25 24.86
CA ALA A 264 -22.18 14.13 24.06
C ALA A 264 -22.10 15.00 22.82
N VAL A 265 -21.53 16.20 22.96
CA VAL A 265 -21.35 17.08 21.82
C VAL A 265 -20.38 16.48 20.80
N ARG A 266 -19.23 16.01 21.27
CA ARG A 266 -18.24 15.46 20.37
C ARG A 266 -18.78 14.23 19.63
N GLU A 267 -19.57 13.43 20.33
CA GLU A 267 -20.20 12.25 19.71
C GLU A 267 -21.17 12.67 18.61
N ALA A 268 -21.93 13.71 18.87
CA ALA A 268 -22.93 14.21 17.92
C ALA A 268 -22.23 14.75 16.68
N LEU A 269 -21.15 15.49 16.90
CA LEU A 269 -20.39 16.05 15.79
C LEU A 269 -19.85 14.92 14.93
N ASN A 270 -19.51 13.80 15.57
CA ASN A 270 -19.05 12.63 14.82
C ASN A 270 -20.11 11.89 13.99
N TYR A 271 -21.38 12.21 14.20
CA TYR A 271 -22.45 11.68 13.35
C TYR A 271 -22.95 12.71 12.34
N ALA A 272 -22.42 13.93 12.42
CA ALA A 272 -23.01 15.06 11.71
C ALA A 272 -22.49 15.29 10.30
N VAL A 273 -21.26 14.89 10.04
CA VAL A 273 -20.66 15.21 8.76
C VAL A 273 -20.98 14.11 7.74
N ASN A 274 -21.53 14.48 6.61
CA ASN A 274 -21.70 13.49 5.55
C ASN A 274 -20.37 13.38 4.80
N LYS A 275 -19.54 12.42 5.20
CA LYS A 275 -18.18 12.35 4.71
C LYS A 275 -18.07 11.96 3.24
N LYS A 276 -18.89 11.00 2.83
CA LYS A 276 -18.91 10.55 1.45
C LYS A 276 -19.22 11.75 0.55
N SER A 277 -20.26 12.48 0.92
CA SER A 277 -20.65 13.68 0.18
C SER A 277 -19.56 14.74 0.16
N LEU A 278 -18.95 15.00 1.31
CA LEU A 278 -17.82 15.91 1.39
C LEU A 278 -16.70 15.49 0.44
N ILE A 279 -16.33 14.22 0.47
CA ILE A 279 -15.31 13.74 -0.43
C ILE A 279 -15.75 13.89 -1.89
N ASP A 280 -16.99 13.52 -2.19
CA ASP A 280 -17.49 13.60 -3.57
C ASP A 280 -17.57 15.05 -4.05
N ASN A 281 -17.89 15.93 -3.13
CA ASN A 281 -18.18 17.32 -3.47
C ASN A 281 -16.93 18.19 -3.55
N ALA A 282 -16.08 18.09 -2.53
CA ALA A 282 -14.93 18.98 -2.42
C ALA A 282 -13.63 18.31 -2.85
N LEU A 283 -13.62 16.98 -2.93
CA LEU A 283 -12.37 16.26 -3.16
C LEU A 283 -12.42 15.44 -4.44
N TYR A 284 -13.51 15.64 -5.18
CA TYR A 284 -13.69 15.01 -6.49
CA TYR A 284 -13.68 15.01 -6.48
C TYR A 284 -13.51 13.49 -6.43
N GLY A 285 -13.90 12.92 -5.30
CA GLY A 285 -13.91 11.47 -5.11
C GLY A 285 -12.55 10.80 -5.11
N THR A 286 -11.49 11.55 -4.84
CA THR A 286 -10.12 11.03 -4.92
C THR A 286 -9.56 10.55 -3.58
N GLN A 287 -10.34 10.61 -2.52
CA GLN A 287 -9.83 10.13 -1.25
CA GLN A 287 -9.88 10.20 -1.20
C GLN A 287 -10.88 9.21 -0.60
N GLN A 288 -10.51 8.57 0.51
CA GLN A 288 -11.42 7.59 1.14
C GLN A 288 -12.01 8.12 2.43
N VAL A 289 -13.22 7.69 2.76
CA VAL A 289 -13.85 8.08 4.03
C VAL A 289 -13.08 7.45 5.20
N ALA A 290 -12.78 8.23 6.24
CA ALA A 290 -12.10 7.72 7.43
C ALA A 290 -13.08 7.69 8.58
N ASP A 291 -13.15 6.55 9.27
CA ASP A 291 -14.02 6.39 10.44
C ASP A 291 -13.23 6.47 11.74
N THR A 292 -11.91 6.30 11.64
CA THR A 292 -11.03 6.19 12.80
C THR A 292 -9.74 7.01 12.62
N LEU A 293 -9.17 7.47 13.73
CA LEU A 293 -7.89 8.19 13.69
C LEU A 293 -6.86 7.54 12.75
N PHE A 294 -6.60 6.26 12.92
CA PHE A 294 -5.75 5.52 11.98
C PHE A 294 -6.58 4.52 11.21
N ALA A 295 -6.26 4.37 9.92
CA ALA A 295 -6.91 3.34 9.13
C ALA A 295 -6.56 1.96 9.70
N PRO A 296 -7.48 0.99 9.55
CA PRO A 296 -7.31 -0.41 10.00
C PRO A 296 -6.07 -1.08 9.46
N SER A 297 -5.54 -0.58 8.34
CA SER A 297 -4.29 -1.13 7.78
C SER A 297 -3.02 -0.62 8.47
N VAL A 298 -3.17 0.33 9.37
CA VAL A 298 -2.02 0.88 10.10
C VAL A 298 -1.55 -0.14 11.15
N PRO A 299 -0.24 -0.33 11.28
CA PRO A 299 0.23 -1.28 12.31
C PRO A 299 -0.39 -1.01 13.69
N TYR A 300 -0.78 -2.09 14.36
CA TYR A 300 -1.39 -2.04 15.71
C TYR A 300 -2.78 -1.46 15.78
N ALA A 301 -3.34 -1.07 14.63
CA ALA A 301 -4.58 -0.30 14.62
C ALA A 301 -5.81 -1.05 14.07
N ASN A 302 -5.69 -2.34 13.81
CA ASN A 302 -6.86 -3.10 13.39
C ASN A 302 -7.65 -3.59 14.61
N LEU A 303 -8.48 -2.72 15.17
CA LEU A 303 -9.03 -2.92 16.51
C LEU A 303 -10.53 -3.16 16.51
N GLY A 304 -11.13 -3.10 15.33
CA GLY A 304 -12.56 -3.23 15.21
C GLY A 304 -13.29 -2.10 15.90
N LEU A 305 -12.74 -0.89 15.89
CA LEU A 305 -13.45 0.25 16.50
C LEU A 305 -14.74 0.52 15.75
N LYS A 306 -15.78 0.95 16.47
CA LYS A 306 -17.10 1.14 15.89
C LYS A 306 -17.21 2.53 15.23
N PRO A 307 -17.51 2.55 13.92
CA PRO A 307 -17.63 3.83 13.21
C PRO A 307 -18.89 4.58 13.62
N SER A 308 -18.83 5.90 13.55
CA SER A 308 -20.04 6.71 13.66
C SER A 308 -20.38 7.17 12.25
N GLN A 309 -21.39 6.54 11.64
CA GLN A 309 -21.78 6.83 10.26
C GLN A 309 -22.66 8.07 10.24
N TYR A 310 -22.61 8.81 9.13
CA TYR A 310 -23.44 10.00 8.99
C TYR A 310 -24.87 9.70 9.40
N ASP A 311 -25.36 10.36 10.44
CA ASP A 311 -26.70 10.08 10.95
C ASP A 311 -27.18 11.30 11.72
N PRO A 312 -27.72 12.29 10.99
CA PRO A 312 -28.11 13.53 11.65
C PRO A 312 -29.18 13.33 12.71
N GLN A 313 -30.07 12.37 12.50
CA GLN A 313 -31.11 12.11 13.47
C GLN A 313 -30.49 11.71 14.81
N LYS A 314 -29.51 10.81 14.76
CA LYS A 314 -28.79 10.37 15.94
C LYS A 314 -28.02 11.54 16.58
N ALA A 315 -27.33 12.32 15.76
CA ALA A 315 -26.66 13.52 16.28
C ALA A 315 -27.62 14.39 17.08
N LYS A 316 -28.79 14.66 16.52
CA LYS A 316 -29.77 15.51 17.17
CA LYS A 316 -29.78 15.50 17.17
C LYS A 316 -30.23 14.93 18.50
N ALA A 317 -30.49 13.63 18.50
CA ALA A 317 -30.94 12.93 19.71
C ALA A 317 -29.90 13.05 20.82
N LEU A 318 -28.63 12.84 20.46
CA LEU A 318 -27.52 13.00 21.38
C LEU A 318 -27.49 14.39 22.00
N LEU A 319 -27.60 15.42 21.17
CA LEU A 319 -27.63 16.79 21.64
C LEU A 319 -28.85 17.09 22.54
N GLU A 320 -30.03 16.64 22.11
CA GLU A 320 -31.25 16.82 22.92
C GLU A 320 -31.14 16.15 24.28
N LYS A 321 -30.63 14.93 24.31
CA LYS A 321 -30.52 14.18 25.54
C LYS A 321 -29.57 14.88 26.50
N ALA A 322 -28.58 15.57 25.93
CA ALA A 322 -27.58 16.30 26.73
C ALA A 322 -28.06 17.70 27.10
N GLY A 323 -29.30 18.02 26.77
CA GLY A 323 -29.86 19.31 27.15
C GLY A 323 -29.54 20.45 26.17
N TRP A 324 -29.07 20.10 24.98
CA TRP A 324 -28.92 21.12 23.94
C TRP A 324 -30.16 21.13 23.06
N THR A 325 -31.09 22.01 23.39
CA THR A 325 -32.36 22.06 22.68
C THR A 325 -32.53 23.38 21.91
N LEU A 326 -33.46 23.39 20.97
CA LEU A 326 -33.67 24.55 20.11
C LEU A 326 -34.76 25.48 20.66
N PRO A 327 -34.41 26.77 20.90
CA PRO A 327 -35.38 27.76 21.32
C PRO A 327 -36.37 28.00 20.19
N ALA A 328 -37.54 28.55 20.50
CA ALA A 328 -38.53 28.80 19.46
C ALA A 328 -37.97 29.77 18.44
N GLY A 329 -38.16 29.43 17.16
CA GLY A 329 -37.75 30.29 16.07
C GLY A 329 -36.25 30.34 15.81
N LYS A 330 -35.49 29.46 16.46
CA LYS A 330 -34.04 29.42 16.25
C LYS A 330 -33.57 28.08 15.68
N ASP A 331 -32.46 28.11 14.95
CA ASP A 331 -31.89 26.90 14.38
C ASP A 331 -30.66 26.43 15.17
N ILE A 332 -30.18 27.28 16.06
CA ILE A 332 -28.98 26.95 16.83
C ILE A 332 -29.33 26.59 18.26
N ARG A 333 -28.89 25.42 18.71
CA ARG A 333 -29.20 24.94 20.06
C ARG A 333 -28.60 25.79 21.17
N GLU A 334 -29.25 25.81 22.32
CA GLU A 334 -28.61 26.36 23.51
C GLU A 334 -28.85 25.54 24.77
N LYS A 335 -27.95 25.69 25.72
CA LYS A 335 -27.97 24.98 26.99
C LYS A 335 -27.36 25.89 28.06
N ASN A 336 -28.09 26.07 29.16
CA ASN A 336 -27.69 26.97 30.25
C ASN A 336 -27.48 28.41 29.78
N GLY A 337 -28.30 28.85 28.83
CA GLY A 337 -28.17 30.16 28.23
C GLY A 337 -27.19 30.23 27.07
N GLN A 338 -26.22 29.32 27.05
CA GLN A 338 -25.13 29.33 26.07
C GLN A 338 -25.50 28.65 24.75
N PRO A 339 -25.34 29.38 23.63
CA PRO A 339 -25.60 28.82 22.29
C PRO A 339 -24.56 27.77 21.92
N LEU A 340 -24.94 26.82 21.08
CA LEU A 340 -24.01 25.76 20.67
C LEU A 340 -23.14 26.30 19.54
N ARG A 341 -22.08 27.01 19.93
CA ARG A 341 -21.22 27.66 18.96
C ARG A 341 -19.79 27.13 19.09
N ILE A 342 -19.15 26.89 17.95
CA ILE A 342 -17.86 26.23 17.91
C ILE A 342 -17.00 26.86 16.82
N GLU A 343 -15.75 27.19 17.16
CA GLU A 343 -14.85 27.75 16.18
C GLU A 343 -14.03 26.66 15.48
N LEU A 344 -13.95 26.75 14.16
CA LEU A 344 -13.19 25.80 13.36
C LEU A 344 -12.00 26.55 12.78
N SER A 345 -10.78 26.15 13.17
CA SER A 345 -9.56 26.81 12.70
C SER A 345 -8.82 26.01 11.62
N PHE A 346 -8.24 26.73 10.68
CA PHE A 346 -7.48 26.10 9.61
C PHE A 346 -6.60 27.17 8.97
N ILE A 347 -5.60 26.75 8.21
CA ILE A 347 -4.79 27.68 7.42
C ILE A 347 -5.69 28.35 6.38
N GLY A 348 -5.91 29.66 6.53
CA GLY A 348 -6.87 30.37 5.70
C GLY A 348 -6.56 30.45 4.21
N THR A 349 -5.29 30.29 3.85
CA THR A 349 -4.87 30.36 2.45
C THR A 349 -4.78 28.95 1.86
N ASP A 350 -5.35 27.99 2.58
CA ASP A 350 -5.46 26.63 2.06
C ASP A 350 -6.86 26.46 1.46
N ALA A 351 -6.93 26.46 0.14
CA ALA A 351 -8.20 26.46 -0.57
C ALA A 351 -9.01 25.19 -0.31
N LEU A 352 -8.30 24.09 -0.16
CA LEU A 352 -8.95 22.81 0.08
C LEU A 352 -9.51 22.74 1.50
N SER A 353 -8.70 23.14 2.48
CA SER A 353 -9.15 23.16 3.87
C SER A 353 -10.37 24.04 4.03
N LYS A 354 -10.35 25.15 3.31
CA LYS A 354 -11.44 26.12 3.35
C LYS A 354 -12.73 25.52 2.78
N SER A 355 -12.61 24.79 1.68
CA SER A 355 -13.77 24.15 1.07
CA SER A 355 -13.76 24.14 1.07
CA SER A 355 -13.76 24.14 1.07
C SER A 355 -14.36 23.08 1.99
N MET A 356 -13.49 22.26 2.59
CA MET A 356 -13.97 21.24 3.51
C MET A 356 -14.61 21.90 4.73
N ALA A 357 -14.04 23.02 5.18
CA ALA A 357 -14.57 23.71 6.36
C ALA A 357 -15.99 24.22 6.12
N GLU A 358 -16.24 24.76 4.93
CA GLU A 358 -17.57 25.27 4.59
C GLU A 358 -18.59 24.15 4.57
N ILE A 359 -18.18 22.99 4.05
CA ILE A 359 -19.06 21.83 4.05
C ILE A 359 -19.36 21.36 5.47
N ILE A 360 -18.32 21.25 6.28
CA ILE A 360 -18.50 20.87 7.67
C ILE A 360 -19.39 21.85 8.44
N GLN A 361 -19.16 23.15 8.25
CA GLN A 361 -20.00 24.18 8.85
C GLN A 361 -21.48 23.96 8.50
N ALA A 362 -21.75 23.73 7.23
CA ALA A 362 -23.12 23.52 6.78
C ALA A 362 -23.75 22.25 7.36
N ASP A 363 -23.01 21.15 7.36
CA ASP A 363 -23.53 19.89 7.89
C ASP A 363 -23.86 20.07 9.37
N MET A 364 -22.98 20.74 10.10
CA MET A 364 -23.21 20.91 11.53
CA MET A 364 -23.16 20.97 11.54
C MET A 364 -24.37 21.86 11.82
N ARG A 365 -24.58 22.84 10.96
CA ARG A 365 -25.73 23.72 11.16
C ARG A 365 -27.04 22.92 11.06
N GLN A 366 -27.04 21.89 10.22
CA GLN A 366 -28.23 21.06 10.05
C GLN A 366 -28.61 20.31 11.33
N ILE A 367 -27.66 20.17 12.26
CA ILE A 367 -27.97 19.54 13.54
C ILE A 367 -28.00 20.54 14.70
N GLY A 368 -28.01 21.83 14.38
CA GLY A 368 -28.20 22.86 15.40
C GLY A 368 -26.94 23.43 16.02
N ALA A 369 -25.80 23.19 15.38
CA ALA A 369 -24.52 23.68 15.87
C ALA A 369 -24.00 24.80 14.98
N ASP A 370 -23.64 25.91 15.61
CA ASP A 370 -23.15 27.09 14.93
C ASP A 370 -21.63 27.14 14.87
N VAL A 371 -21.08 26.68 13.75
CA VAL A 371 -19.64 26.67 13.57
C VAL A 371 -19.21 27.97 12.94
N SER A 372 -18.22 28.62 13.54
CA SER A 372 -17.63 29.82 12.95
CA SER A 372 -17.60 29.83 13.00
C SER A 372 -16.27 29.47 12.35
N LEU A 373 -16.04 29.93 11.14
CA LEU A 373 -14.77 29.62 10.48
C LEU A 373 -13.69 30.64 10.83
N ILE A 374 -12.55 30.15 11.29
CA ILE A 374 -11.39 30.98 11.63
C ILE A 374 -10.18 30.55 10.82
N GLY A 375 -10.04 31.13 9.63
CA GLY A 375 -8.91 30.85 8.77
C GLY A 375 -7.83 31.88 9.03
N GLU A 376 -6.62 31.42 9.31
CA GLU A 376 -5.51 32.34 9.60
C GLU A 376 -4.20 31.82 9.02
N GLU A 377 -3.15 32.65 9.10
CA GLU A 377 -1.84 32.28 8.59
C GLU A 377 -1.24 31.20 9.47
N GLU A 378 -0.32 30.43 8.90
CA GLU A 378 0.32 29.30 9.58
C GLU A 378 0.70 29.61 11.02
N SER A 379 1.42 30.71 11.22
CA SER A 379 2.02 30.98 12.52
C SER A 379 0.93 31.15 13.54
N SER A 380 -0.18 31.76 13.12
CA SER A 380 -1.31 31.94 14.02
C SER A 380 -1.96 30.59 14.34
N ILE A 381 -2.07 29.73 13.33
CA ILE A 381 -2.66 28.41 13.55
C ILE A 381 -1.75 27.56 14.43
N TYR A 382 -0.45 27.67 14.20
CA TYR A 382 0.50 26.90 14.99
C TYR A 382 0.43 27.34 16.46
N ALA A 383 0.27 28.64 16.68
CA ALA A 383 0.19 29.14 18.04
C ALA A 383 -1.03 28.57 18.73
N ARG A 384 -2.13 28.45 17.99
CA ARG A 384 -3.37 27.90 18.55
C ARG A 384 -3.23 26.43 18.93
N GLN A 385 -2.58 25.65 18.07
CA GLN A 385 -2.27 24.26 18.36
C GLN A 385 -1.57 24.17 19.71
N ARG A 386 -0.58 25.02 19.91
CA ARG A 386 0.24 24.91 21.12
C ARG A 386 -0.49 25.33 22.39
N ASP A 387 -1.35 26.33 22.29
CA ASP A 387 -1.94 26.89 23.50
C ASP A 387 -3.38 26.50 23.71
N GLY A 388 -3.93 25.74 22.77
CA GLY A 388 -5.27 25.19 22.93
C GLY A 388 -6.38 26.19 22.66
N ARG A 389 -6.08 27.28 21.95
CA ARG A 389 -7.09 28.28 21.56
C ARG A 389 -7.82 27.86 20.28
N PHE A 390 -8.52 26.74 20.35
CA PHE A 390 -9.31 26.26 19.23
C PHE A 390 -10.48 25.46 19.76
N GLY A 391 -11.56 25.37 18.98
CA GLY A 391 -12.68 24.49 19.29
C GLY A 391 -12.48 23.20 18.52
N MET A 392 -12.44 23.33 17.20
CA MET A 392 -12.03 22.28 16.30
C MET A 392 -10.92 22.81 15.39
N ILE A 393 -9.99 21.94 15.02
CA ILE A 393 -8.88 22.38 14.19
C ILE A 393 -8.54 21.28 13.18
N PHE A 394 -8.29 21.66 11.93
CA PHE A 394 -7.86 20.69 10.94
C PHE A 394 -6.53 20.10 11.36
N HIS A 395 -6.37 18.81 11.12
CA HIS A 395 -5.16 18.13 11.56
C HIS A 395 -4.96 16.95 10.62
N ARG A 396 -3.81 16.29 10.71
CA ARG A 396 -3.56 15.10 9.93
C ARG A 396 -2.51 14.26 10.63
N THR A 397 -2.53 12.95 10.40
CA THR A 397 -1.47 12.10 10.91
C THR A 397 -0.27 12.16 9.97
N TRP A 398 0.77 11.38 10.25
CA TRP A 398 2.06 11.65 9.63
C TRP A 398 2.52 10.62 8.62
N GLY A 399 1.75 9.54 8.45
CA GLY A 399 2.10 8.50 7.49
C GLY A 399 3.27 7.68 7.95
N ALA A 400 3.68 6.71 7.16
CA ALA A 400 4.75 5.79 7.59
C ALA A 400 6.09 6.51 7.58
N PRO A 401 7.01 6.19 8.51
CA PRO A 401 6.88 5.21 9.59
C PRO A 401 6.44 5.85 10.90
N TYR A 402 6.00 7.11 10.86
CA TYR A 402 5.55 7.83 12.07
C TYR A 402 4.27 7.24 12.72
N ASP A 403 3.33 6.78 11.88
CA ASP A 403 2.04 6.29 12.39
C ASP A 403 2.13 4.81 12.77
N PRO A 404 1.70 4.47 14.00
CA PRO A 404 1.11 5.33 15.02
C PRO A 404 2.09 5.82 16.09
N HIS A 405 3.24 5.17 16.22
CA HIS A 405 4.07 5.35 17.42
C HIS A 405 4.52 6.79 17.63
N ALA A 406 5.04 7.43 16.58
CA ALA A 406 5.55 8.80 16.73
C ALA A 406 4.43 9.82 16.87
N PHE A 407 3.33 9.62 16.15
CA PHE A 407 2.17 10.47 16.34
C PHE A 407 1.68 10.41 17.79
N LEU A 408 1.62 9.22 18.35
CA LEU A 408 1.17 9.08 19.74
C LEU A 408 2.20 9.68 20.70
N SER A 409 3.47 9.33 20.51
CA SER A 409 4.53 9.92 21.33
C SER A 409 4.33 11.42 21.45
N SER A 410 4.06 12.04 20.32
CA SER A 410 3.91 13.48 20.21
C SER A 410 2.69 14.04 20.95
N MET A 411 1.71 13.20 21.25
CA MET A 411 0.53 13.63 21.99
C MET A 411 0.90 14.09 23.40
N ARG A 412 2.10 13.74 23.84
CA ARG A 412 2.52 14.01 25.22
C ARG A 412 3.05 15.42 25.41
N VAL A 413 3.30 16.14 24.32
CA VAL A 413 3.86 17.48 24.43
C VAL A 413 3.07 18.47 23.58
N PRO A 414 2.94 19.72 24.05
CA PRO A 414 2.29 20.82 23.32
C PRO A 414 3.08 21.42 22.14
N SER A 415 2.95 20.82 20.96
CA SER A 415 3.52 21.39 19.74
CA SER A 415 3.53 21.35 19.72
C SER A 415 2.52 21.18 18.61
N HIS A 416 2.04 19.95 18.45
CA HIS A 416 0.85 19.75 17.64
C HIS A 416 -0.33 19.88 18.60
N ALA A 417 -1.53 19.84 18.06
CA ALA A 417 -2.71 20.18 18.84
C ALA A 417 -3.16 19.05 19.76
N ASP A 418 -2.62 17.85 19.56
CA ASP A 418 -3.20 16.68 20.22
C ASP A 418 -3.14 16.79 21.73
N PHE A 419 -2.04 17.28 22.26
CA PHE A 419 -1.88 17.41 23.70
C PHE A 419 -2.97 18.33 24.26
N GLN A 420 -3.13 19.49 23.63
CA GLN A 420 -4.15 20.44 24.04
C GLN A 420 -5.56 19.87 23.86
N ALA A 421 -5.83 19.31 22.69
CA ALA A 421 -7.14 18.73 22.41
C ALA A 421 -7.57 17.70 23.47
N GLN A 422 -6.59 16.98 24.04
CA GLN A 422 -6.86 15.89 24.99
C GLN A 422 -6.88 16.30 26.47
N GLN A 423 -6.57 17.57 26.74
CA GLN A 423 -6.42 18.04 28.11
C GLN A 423 -7.66 17.90 28.97
N GLY A 424 -8.83 17.83 28.34
CA GLY A 424 -10.07 17.75 29.11
C GLY A 424 -10.45 16.35 29.53
N LEU A 425 -9.66 15.35 29.15
CA LEU A 425 -9.98 13.96 29.45
C LEU A 425 -9.45 13.59 30.84
N ALA A 426 -10.26 12.91 31.64
CA ALA A 426 -9.85 12.49 32.98
C ALA A 426 -8.74 11.46 32.90
N ASP A 427 -8.68 10.74 31.79
CA ASP A 427 -7.67 9.70 31.59
C ASP A 427 -6.48 10.15 30.76
N LYS A 428 -6.34 11.46 30.53
CA LYS A 428 -5.16 11.96 29.79
C LYS A 428 -3.83 11.57 30.46
N PRO A 429 -3.72 11.71 31.78
CA PRO A 429 -2.48 11.24 32.42
C PRO A 429 -2.21 9.74 32.18
N LEU A 430 -3.23 8.91 32.37
CA LEU A 430 -3.13 7.49 32.08
C LEU A 430 -2.72 7.23 30.64
N ILE A 431 -3.32 7.98 29.71
CA ILE A 431 -3.01 7.77 28.30
C ILE A 431 -1.53 8.08 28.03
N ASP A 432 -1.06 9.20 28.55
CA ASP A 432 0.31 9.64 28.34
C ASP A 432 1.32 8.66 28.94
N LYS A 433 0.95 8.10 30.09
CA LYS A 433 1.75 7.08 30.73
C LYS A 433 1.83 5.83 29.87
N GLU A 434 0.68 5.39 29.35
CA GLU A 434 0.66 4.21 28.52
C GLU A 434 1.43 4.42 27.21
N ILE A 435 1.43 5.66 26.72
CA ILE A 435 2.20 5.97 25.53
C ILE A 435 3.70 5.78 25.83
N GLY A 436 4.14 6.36 26.93
CA GLY A 436 5.48 6.14 27.42
C GLY A 436 5.82 4.65 27.51
N GLU A 437 4.92 3.88 28.10
CA GLU A 437 5.15 2.44 28.28
C GLU A 437 5.24 1.66 26.97
N VAL A 438 4.29 1.90 26.07
CA VAL A 438 4.23 1.11 24.85
C VAL A 438 5.50 1.27 23.99
N LEU A 439 6.11 2.45 24.04
CA LEU A 439 7.29 2.72 23.23
C LEU A 439 8.51 1.92 23.72
N ALA A 440 8.45 1.45 24.95
CA ALA A 440 9.56 0.69 25.49
C ALA A 440 9.19 -0.77 25.80
N THR A 441 8.06 -1.22 25.25
CA THR A 441 7.58 -2.58 25.51
CA THR A 441 7.59 -2.59 25.50
C THR A 441 8.06 -3.56 24.44
N HIS A 442 8.70 -4.64 24.86
CA HIS A 442 9.11 -5.68 23.93
C HIS A 442 8.31 -6.95 24.11
N ASP A 443 7.47 -6.99 25.14
CA ASP A 443 6.46 -8.02 25.23
C ASP A 443 5.39 -7.65 24.20
N GLU A 444 5.29 -8.42 23.12
CA GLU A 444 4.45 -8.06 21.98
C GLU A 444 2.97 -8.03 22.35
N THR A 445 2.58 -8.90 23.28
CA THR A 445 1.20 -8.95 23.74
C THR A 445 0.83 -7.66 24.47
N GLN A 446 1.68 -7.24 25.40
CA GLN A 446 1.47 -6.00 26.13
C GLN A 446 1.49 -4.77 25.18
N ARG A 447 2.39 -4.77 24.21
CA ARG A 447 2.46 -3.64 23.26
C ARG A 447 1.14 -3.47 22.51
N GLN A 448 0.58 -4.58 22.05
CA GLN A 448 -0.67 -4.55 21.30
C GLN A 448 -1.79 -4.13 22.24
N ALA A 449 -1.73 -4.60 23.49
CA ALA A 449 -2.73 -4.26 24.48
C ALA A 449 -2.70 -2.78 24.80
N LEU A 450 -1.50 -2.23 24.95
CA LEU A 450 -1.37 -0.80 25.20
C LEU A 450 -1.85 0.07 24.04
N TYR A 451 -1.45 -0.27 22.80
CA TYR A 451 -1.99 0.45 21.63
C TYR A 451 -3.51 0.35 21.56
N ARG A 452 -4.05 -0.83 21.81
CA ARG A 452 -5.50 -0.95 21.77
C ARG A 452 -6.14 0.00 22.79
N ASP A 453 -5.61 0.01 24.01
CA ASP A 453 -6.22 0.84 25.05
C ASP A 453 -6.12 2.33 24.70
N ILE A 454 -4.96 2.76 24.22
CA ILE A 454 -4.78 4.15 23.87
C ILE A 454 -5.73 4.54 22.73
N LEU A 455 -5.71 3.77 21.65
CA LEU A 455 -6.52 4.15 20.48
C LEU A 455 -8.02 4.02 20.77
N THR A 456 -8.36 3.03 21.58
CA THR A 456 -9.77 2.82 21.93
C THR A 456 -10.29 3.96 22.82
N ARG A 457 -9.48 4.39 23.79
CA ARG A 457 -9.90 5.53 24.60
C ARG A 457 -10.06 6.79 23.73
N LEU A 458 -9.12 7.03 22.83
CA LEU A 458 -9.21 8.21 21.98
C LEU A 458 -10.46 8.15 21.11
N HIS A 459 -10.76 6.95 20.62
CA HIS A 459 -11.94 6.76 19.80
C HIS A 459 -13.24 6.94 20.61
N ASP A 460 -13.36 6.22 21.72
CA ASP A 460 -14.57 6.30 22.55
C ASP A 460 -14.81 7.67 23.15
N GLU A 461 -13.75 8.46 23.33
CA GLU A 461 -13.91 9.77 23.92
C GLU A 461 -14.15 10.81 22.82
N ALA A 462 -14.15 10.36 21.57
CA ALA A 462 -14.47 11.22 20.44
C ALA A 462 -13.56 12.45 20.41
N VAL A 463 -12.26 12.24 20.60
CA VAL A 463 -11.29 13.33 20.54
C VAL A 463 -11.18 13.85 19.12
N TYR A 464 -11.27 12.95 18.14
CA TYR A 464 -11.10 13.36 16.75
C TYR A 464 -12.41 13.24 15.96
N LEU A 465 -12.49 13.94 14.83
CA LEU A 465 -13.50 13.70 13.82
C LEU A 465 -12.75 13.31 12.55
N PRO A 466 -12.51 12.01 12.37
CA PRO A 466 -11.78 11.58 11.17
C PRO A 466 -12.58 11.93 9.93
N ILE A 467 -11.93 12.47 8.90
CA ILE A 467 -12.62 12.85 7.67
CA ILE A 467 -12.62 12.86 7.68
C ILE A 467 -12.30 11.89 6.53
N SER A 468 -11.03 11.78 6.17
CA SER A 468 -10.65 10.92 5.06
C SER A 468 -9.23 10.41 5.21
N TYR A 469 -8.91 9.34 4.48
CA TYR A 469 -7.53 8.89 4.34
C TYR A 469 -7.09 9.36 2.97
N ILE A 470 -6.02 10.13 2.94
CA ILE A 470 -5.56 10.73 1.68
C ILE A 470 -4.42 9.96 1.04
N SER A 471 -4.27 10.14 -0.28
CA SER A 471 -3.26 9.46 -1.07
C SER A 471 -2.28 10.45 -1.67
N MET A 472 -1.14 9.93 -2.10
CA MET A 472 -0.20 10.73 -2.89
C MET A 472 -0.74 10.76 -4.31
N MET A 473 -0.44 11.85 -5.02
CA MET A 473 -0.89 12.04 -6.39
C MET A 473 0.30 12.38 -7.25
N VAL A 474 0.20 12.03 -8.52
CA VAL A 474 1.27 12.26 -9.47
C VAL A 474 0.66 12.71 -10.80
N VAL A 475 1.30 13.68 -11.41
CA VAL A 475 0.95 14.14 -12.74
C VAL A 475 2.27 14.26 -13.48
N SER A 476 2.39 13.61 -14.64
CA SER A 476 3.67 13.60 -15.35
C SER A 476 3.55 13.44 -16.86
N LYS A 477 4.56 13.93 -17.56
CA LYS A 477 4.67 13.69 -18.98
C LYS A 477 4.85 12.18 -19.15
N PRO A 478 4.11 11.60 -20.11
CA PRO A 478 4.13 10.15 -20.35
C PRO A 478 5.54 9.59 -20.58
N GLU A 479 6.43 10.35 -21.22
CA GLU A 479 7.80 9.89 -21.46
C GLU A 479 8.58 9.51 -20.19
N LEU A 480 8.18 10.01 -19.02
CA LEU A 480 8.87 9.65 -17.78
C LEU A 480 8.51 8.24 -17.29
N GLY A 481 7.43 7.68 -17.81
CA GLY A 481 7.01 6.34 -17.44
C GLY A 481 6.28 6.27 -16.10
N ASN A 482 6.11 5.06 -15.56
CA ASN A 482 5.51 4.90 -14.25
C ASN A 482 6.36 5.57 -13.16
N ILE A 483 5.73 6.36 -12.29
CA ILE A 483 6.47 7.01 -11.23
C ILE A 483 6.30 6.23 -9.91
N PRO A 484 7.40 5.70 -9.36
CA PRO A 484 7.31 4.92 -8.12
C PRO A 484 7.02 5.79 -6.90
N TYR A 485 6.59 5.17 -5.81
CA TYR A 485 6.39 5.90 -4.56
C TYR A 485 7.49 5.58 -3.57
N ALA A 486 7.94 6.59 -2.84
CA ALA A 486 8.86 6.35 -1.75
C ALA A 486 8.05 5.93 -0.53
N PRO A 487 8.59 4.97 0.25
CA PRO A 487 7.91 4.44 1.42
C PRO A 487 7.62 5.54 2.43
N ILE A 488 8.47 6.57 2.50
CA ILE A 488 8.21 7.66 3.41
C ILE A 488 7.49 8.77 2.66
N ALA A 489 6.31 9.14 3.14
CA ALA A 489 5.40 10.03 2.42
C ALA A 489 5.98 11.37 2.02
N THR A 490 6.94 11.87 2.80
CA THR A 490 7.52 13.17 2.52
C THR A 490 8.67 13.09 1.53
N GLU A 491 9.06 11.87 1.17
CA GLU A 491 10.18 11.69 0.26
C GLU A 491 9.71 11.51 -1.19
N ILE A 492 10.56 11.89 -2.14
CA ILE A 492 10.25 11.72 -3.55
C ILE A 492 11.36 10.90 -4.22
N PRO A 493 10.99 9.74 -4.76
CA PRO A 493 11.98 8.76 -5.22
C PRO A 493 12.57 9.11 -6.58
N PHE A 494 13.16 10.31 -6.70
CA PHE A 494 13.79 10.71 -7.95
C PHE A 494 14.82 9.70 -8.45
N GLU A 495 15.55 9.09 -7.52
CA GLU A 495 16.62 8.15 -7.92
C GLU A 495 16.09 6.89 -8.58
N GLN A 496 14.77 6.66 -8.47
CA GLN A 496 14.17 5.49 -9.10
C GLN A 496 13.42 5.83 -10.37
N ILE A 497 13.45 7.08 -10.77
CA ILE A 497 12.79 7.46 -12.00
C ILE A 497 13.69 7.11 -13.17
N LYS A 498 13.20 6.20 -14.01
CA LYS A 498 13.98 5.62 -15.10
C LYS A 498 13.15 5.62 -16.38
N PRO A 499 13.12 6.75 -17.10
CA PRO A 499 12.31 6.87 -18.31
C PRO A 499 12.69 5.82 -19.36
N ASP B 4 10.09 -21.27 19.07
CA ASP B 4 10.80 -20.99 17.83
C ASP B 4 10.36 -21.97 16.75
N GLU B 5 9.29 -22.69 17.04
CA GLU B 5 8.56 -23.45 16.04
C GLU B 5 7.21 -22.82 15.95
N ILE B 6 6.63 -22.77 14.75
CA ILE B 6 5.25 -22.32 14.63
C ILE B 6 4.40 -23.30 13.81
N THR B 7 3.10 -23.23 14.04
CA THR B 7 2.15 -24.05 13.33
C THR B 7 1.12 -23.15 12.66
N THR B 8 0.87 -23.41 11.39
CA THR B 8 -0.12 -22.67 10.62
C THR B 8 -0.98 -23.66 9.83
N ALA B 9 -1.76 -23.19 8.86
CA ALA B 9 -2.62 -24.09 8.10
C ALA B 9 -2.72 -23.71 6.63
N TRP B 10 -3.12 -24.68 5.82
CA TRP B 10 -3.39 -24.45 4.41
C TRP B 10 -4.48 -25.43 3.97
N PRO B 11 -5.28 -25.05 2.97
CA PRO B 11 -6.42 -25.89 2.57
C PRO B 11 -6.03 -27.24 1.95
N VAL B 12 -4.80 -27.37 1.48
CA VAL B 12 -4.36 -28.59 0.79
C VAL B 12 -2.90 -28.80 1.14
N ASN B 13 -2.35 -29.96 0.80
CA ASN B 13 -0.92 -30.18 0.96
C ASN B 13 -0.17 -29.25 -0.01
N VAL B 14 1.13 -29.11 0.18
CA VAL B 14 1.89 -28.18 -0.65
C VAL B 14 2.22 -28.75 -2.03
N GLY B 15 2.05 -30.06 -2.18
CA GLY B 15 2.38 -30.73 -3.42
C GLY B 15 3.83 -31.19 -3.45
N PRO B 16 4.28 -31.71 -4.61
CA PRO B 16 5.65 -32.24 -4.68
C PRO B 16 6.69 -31.12 -4.73
N LEU B 17 6.23 -29.89 -4.90
CA LEU B 17 7.11 -28.74 -5.03
C LEU B 17 8.04 -28.86 -6.24
N ASN B 18 7.46 -29.17 -7.39
CA ASN B 18 8.15 -28.97 -8.64
C ASN B 18 8.17 -27.47 -8.92
N PRO B 19 9.37 -26.86 -8.97
CA PRO B 19 9.45 -25.40 -9.14
C PRO B 19 8.89 -24.91 -10.47
N HIS B 20 8.71 -25.81 -11.43
CA HIS B 20 8.42 -25.43 -12.80
C HIS B 20 7.02 -25.82 -13.26
N LEU B 21 6.23 -26.43 -12.38
CA LEU B 21 4.84 -26.75 -12.71
C LEU B 21 3.84 -26.02 -11.83
N TYR B 22 2.56 -26.19 -12.13
CA TYR B 22 1.50 -25.46 -11.45
C TYR B 22 0.75 -26.38 -10.49
N THR B 23 -0.59 -26.32 -10.47
CA THR B 23 -1.33 -27.20 -9.59
CA THR B 23 -1.35 -27.21 -9.61
C THR B 23 -0.86 -28.64 -9.79
N PRO B 24 -0.73 -29.42 -8.68
CA PRO B 24 -1.07 -29.15 -7.28
C PRO B 24 -0.02 -28.41 -6.46
N ASN B 25 1.10 -28.03 -7.07
CA ASN B 25 2.09 -27.24 -6.34
C ASN B 25 1.51 -25.93 -5.79
N GLN B 26 1.74 -25.70 -4.50
CA GLN B 26 1.29 -24.45 -3.88
C GLN B 26 2.37 -23.39 -3.95
N MET B 27 2.00 -22.22 -4.46
CA MET B 27 2.95 -21.16 -4.73
C MET B 27 3.71 -20.68 -3.51
N PHE B 28 3.03 -20.52 -2.38
CA PHE B 28 3.72 -20.05 -1.18
C PHE B 28 4.87 -20.98 -0.83
N ALA B 29 4.69 -22.27 -1.09
CA ALA B 29 5.65 -23.28 -0.69
C ALA B 29 6.85 -23.31 -1.66
N GLN B 30 6.56 -23.17 -2.94
CA GLN B 30 7.62 -23.06 -3.93
C GLN B 30 8.49 -21.87 -3.59
N SER B 31 7.85 -20.79 -3.13
CA SER B 31 8.58 -19.58 -2.81
C SER B 31 9.42 -19.70 -1.51
N MET B 32 9.11 -20.71 -0.69
CA MET B 32 9.90 -20.96 0.52
C MET B 32 11.17 -21.72 0.17
N VAL B 33 11.09 -22.59 -0.83
CA VAL B 33 12.20 -23.47 -1.17
C VAL B 33 13.05 -22.96 -2.34
N TYR B 34 12.42 -22.27 -3.28
CA TYR B 34 13.12 -21.82 -4.48
C TYR B 34 13.24 -20.31 -4.54
N GLU B 35 14.26 -19.85 -5.25
CA GLU B 35 14.59 -18.43 -5.28
C GLU B 35 14.88 -17.95 -6.69
N PRO B 36 14.65 -16.65 -6.94
CA PRO B 36 14.85 -16.08 -8.27
C PRO B 36 16.21 -15.38 -8.38
N LEU B 37 16.61 -15.03 -9.60
CA LEU B 37 17.82 -14.26 -9.81
C LEU B 37 17.66 -12.87 -9.20
N VAL B 38 16.46 -12.31 -9.32
CA VAL B 38 16.18 -11.00 -8.74
C VAL B 38 14.88 -11.02 -7.94
N LYS B 39 14.80 -10.15 -6.94
CA LYS B 39 13.70 -10.22 -5.99
C LYS B 39 12.78 -8.98 -6.04
N TYR B 40 11.47 -9.25 -6.11
CA TYR B 40 10.49 -8.19 -6.25
C TYR B 40 10.33 -7.44 -4.93
N GLN B 41 10.12 -6.13 -5.07
CA GLN B 41 9.99 -5.24 -3.93
C GLN B 41 8.65 -4.52 -3.97
N ALA B 42 8.15 -4.16 -2.80
CA ALA B 42 6.86 -3.47 -2.67
C ALA B 42 6.73 -2.25 -3.57
N ASP B 43 7.82 -1.54 -3.80
CA ASP B 43 7.73 -0.32 -4.59
C ASP B 43 7.73 -0.61 -6.10
N GLY B 44 7.74 -1.88 -6.45
CA GLY B 44 7.67 -2.27 -7.85
C GLY B 44 9.02 -2.57 -8.48
N SER B 45 10.10 -2.23 -7.79
CA SER B 45 11.44 -2.52 -8.32
C SER B 45 11.85 -3.94 -7.97
N VAL B 46 13.02 -4.35 -8.46
CA VAL B 46 13.64 -5.59 -8.03
C VAL B 46 15.01 -5.27 -7.46
N ILE B 47 15.54 -6.17 -6.65
CA ILE B 47 16.89 -6.03 -6.13
C ILE B 47 17.67 -7.29 -6.48
N PRO B 48 19.02 -7.20 -6.50
CA PRO B 48 19.82 -8.40 -6.78
C PRO B 48 19.46 -9.49 -5.78
N TRP B 49 19.48 -10.74 -6.22
CA TRP B 49 19.25 -11.87 -5.33
C TRP B 49 20.24 -12.99 -5.64
N LEU B 50 19.83 -14.02 -6.38
CA LEU B 50 20.79 -15.04 -6.82
C LEU B 50 21.72 -14.42 -7.86
N ALA B 51 21.19 -13.47 -8.62
CA ALA B 51 22.07 -12.67 -9.47
C ALA B 51 22.52 -11.44 -8.69
N LYS B 52 23.84 -11.29 -8.57
CA LYS B 52 24.46 -10.28 -7.73
C LYS B 52 24.43 -8.92 -8.40
N SER B 53 24.56 -8.96 -9.72
CA SER B 53 24.63 -7.75 -10.53
C SER B 53 24.31 -8.18 -11.94
N TRP B 54 24.13 -7.21 -12.83
CA TRP B 54 23.87 -7.52 -14.22
C TRP B 54 24.07 -6.34 -15.15
N THR B 55 24.34 -6.65 -16.41
CA THR B 55 24.43 -5.63 -17.44
C THR B 55 23.51 -6.03 -18.58
N HIS B 56 23.33 -5.13 -19.54
CA HIS B 56 22.55 -5.46 -20.73
C HIS B 56 23.05 -4.64 -21.91
N SER B 57 22.94 -5.20 -23.11
CA SER B 57 23.43 -4.55 -24.30
C SER B 57 22.72 -3.22 -24.53
N GLU B 58 23.16 -2.48 -25.55
CA GLU B 58 22.53 -1.21 -25.93
C GLU B 58 21.09 -1.45 -26.36
N ASP B 59 20.86 -2.54 -27.07
CA ASP B 59 19.52 -2.86 -27.57
C ASP B 59 18.63 -3.58 -26.54
N GLY B 60 19.18 -3.79 -25.35
CA GLY B 60 18.43 -4.39 -24.25
C GLY B 60 17.86 -5.78 -24.52
N LYS B 61 18.47 -6.49 -25.48
CA LYS B 61 17.99 -7.81 -25.86
C LYS B 61 18.90 -8.92 -25.38
N THR B 62 20.04 -8.55 -24.80
CA THR B 62 20.99 -9.52 -24.27
C THR B 62 21.45 -9.12 -22.88
N TRP B 63 21.06 -9.93 -21.90
CA TRP B 63 21.38 -9.64 -20.51
C TRP B 63 22.41 -10.59 -19.99
N THR B 64 23.36 -10.06 -19.22
CA THR B 64 24.40 -10.87 -18.61
C THR B 64 24.39 -10.73 -17.10
N PHE B 65 23.99 -11.79 -16.42
CA PHE B 65 23.89 -11.77 -14.97
C PHE B 65 25.14 -12.34 -14.34
N THR B 66 25.68 -11.63 -13.36
CA THR B 66 26.74 -12.17 -12.54
C THR B 66 26.12 -12.78 -11.29
N LEU B 67 26.16 -14.10 -11.21
CA LEU B 67 25.56 -14.82 -10.10
C LEU B 67 26.45 -14.74 -8.87
N ARG B 68 25.84 -14.95 -7.70
CA ARG B 68 26.61 -15.15 -6.49
CA ARG B 68 26.61 -15.14 -6.50
C ARG B 68 27.47 -16.40 -6.64
N ASP B 69 28.57 -16.45 -5.92
CA ASP B 69 29.46 -17.61 -5.98
C ASP B 69 29.41 -18.42 -4.68
N ASP B 70 28.58 -17.95 -3.75
CA ASP B 70 28.56 -18.48 -2.39
C ASP B 70 27.26 -19.16 -2.06
N VAL B 71 26.56 -19.64 -3.09
CA VAL B 71 25.24 -20.22 -2.89
C VAL B 71 25.20 -21.71 -3.21
N LYS B 72 24.68 -22.49 -2.27
CA LYS B 72 24.55 -23.92 -2.46
C LYS B 72 23.08 -24.33 -2.39
N PHE B 73 22.69 -25.27 -3.22
CA PHE B 73 21.41 -25.94 -3.05
C PHE B 73 21.41 -26.58 -1.67
N SER B 74 20.22 -26.77 -1.07
CA SER B 74 20.15 -27.25 0.31
C SER B 74 20.90 -28.55 0.54
N ASN B 75 21.03 -29.36 -0.51
CA ASN B 75 21.77 -30.62 -0.40
C ASN B 75 23.28 -30.41 -0.41
N GLY B 76 23.71 -29.19 -0.71
CA GLY B 76 25.12 -28.86 -0.77
C GLY B 76 25.64 -28.55 -2.15
N GLU B 77 25.12 -29.25 -3.16
CA GLU B 77 25.52 -28.99 -4.53
C GLU B 77 25.52 -27.49 -4.84
N PRO B 78 26.57 -27.01 -5.52
CA PRO B 78 26.72 -25.58 -5.78
C PRO B 78 25.69 -25.05 -6.78
N PHE B 79 25.27 -23.79 -6.58
CA PHE B 79 24.42 -23.13 -7.56
C PHE B 79 25.30 -22.30 -8.48
N ASP B 80 25.24 -22.56 -9.78
CA ASP B 80 26.05 -21.80 -10.73
C ASP B 80 25.32 -21.54 -12.04
N ALA B 81 25.96 -20.77 -12.91
CA ALA B 81 25.38 -20.41 -14.18
C ALA B 81 24.94 -21.65 -14.94
N GLU B 82 25.73 -22.72 -14.79
CA GLU B 82 25.41 -24.00 -15.41
C GLU B 82 24.09 -24.54 -14.87
N ALA B 83 23.98 -24.62 -13.54
CA ALA B 83 22.76 -25.10 -12.91
C ALA B 83 21.57 -24.20 -13.28
N ALA B 84 21.84 -22.91 -13.43
CA ALA B 84 20.79 -21.97 -13.78
C ALA B 84 20.31 -22.16 -15.21
N ALA B 85 21.24 -22.36 -16.14
CA ALA B 85 20.86 -22.57 -17.53
C ALA B 85 20.08 -23.88 -17.68
N GLU B 86 20.53 -24.91 -16.96
CA GLU B 86 19.81 -26.17 -16.86
C GLU B 86 18.33 -25.92 -16.56
N ASN B 87 18.08 -25.14 -15.52
CA ASN B 87 16.70 -24.84 -15.12
C ASN B 87 15.93 -24.14 -16.23
N PHE B 88 16.48 -23.04 -16.75
CA PHE B 88 15.82 -22.33 -17.84
C PHE B 88 15.49 -23.30 -18.97
N ARG B 89 16.45 -24.16 -19.30
CA ARG B 89 16.24 -25.13 -20.36
C ARG B 89 15.04 -26.03 -20.05
N ALA B 90 14.98 -26.53 -18.82
CA ALA B 90 13.92 -27.44 -18.41
C ALA B 90 12.55 -26.77 -18.46
N VAL B 91 12.50 -25.51 -18.04
CA VAL B 91 11.27 -24.74 -18.12
C VAL B 91 10.89 -24.48 -19.57
N LEU B 92 11.84 -24.00 -20.35
CA LEU B 92 11.53 -23.55 -21.71
C LEU B 92 11.27 -24.70 -22.67
N ASP B 93 11.63 -25.92 -22.25
CA ASP B 93 11.32 -27.11 -23.04
C ASP B 93 9.86 -27.51 -22.87
N ASN B 94 9.22 -26.97 -21.83
CA ASN B 94 7.78 -27.14 -21.60
C ASN B 94 7.12 -25.77 -21.82
N ARG B 95 7.60 -25.06 -22.85
CA ARG B 95 7.25 -23.66 -23.08
C ARG B 95 5.74 -23.40 -23.26
N GLN B 96 5.05 -24.33 -23.91
CA GLN B 96 3.62 -24.17 -24.14
C GLN B 96 2.88 -23.96 -22.83
N ARG B 97 3.35 -24.62 -21.77
CA ARG B 97 2.68 -24.56 -20.48
C ARG B 97 2.88 -23.19 -19.81
N HIS B 98 3.87 -22.42 -20.27
CA HIS B 98 4.18 -21.12 -19.69
C HIS B 98 3.88 -19.95 -20.65
N ALA B 99 3.19 -20.25 -21.73
CA ALA B 99 2.96 -19.25 -22.78
C ALA B 99 2.11 -18.07 -22.30
N TRP B 100 1.34 -18.29 -21.23
CA TRP B 100 0.61 -17.20 -20.58
C TRP B 100 1.56 -16.08 -20.15
N LEU B 101 2.79 -16.47 -19.85
CA LEU B 101 3.81 -15.55 -19.36
C LEU B 101 4.77 -15.17 -20.48
N GLU B 102 4.73 -13.89 -20.87
CA GLU B 102 5.46 -13.45 -22.06
C GLU B 102 6.97 -13.72 -22.01
N LEU B 103 7.59 -13.64 -20.83
CA LEU B 103 9.02 -13.89 -20.75
C LEU B 103 9.35 -15.28 -21.29
N ALA B 104 8.42 -16.20 -21.14
CA ALA B 104 8.62 -17.57 -21.60
C ALA B 104 8.66 -17.60 -23.12
N ASN B 105 7.98 -16.65 -23.73
CA ASN B 105 7.95 -16.53 -25.19
C ASN B 105 9.08 -15.62 -25.69
N GLN B 106 9.70 -14.90 -24.76
CA GLN B 106 10.73 -13.93 -25.12
C GLN B 106 12.14 -14.52 -25.14
N ILE B 107 12.38 -15.49 -24.28
CA ILE B 107 13.71 -16.07 -24.18
C ILE B 107 13.99 -16.99 -25.36
N VAL B 108 14.96 -16.60 -26.19
CA VAL B 108 15.36 -17.43 -27.31
C VAL B 108 16.54 -18.33 -26.93
N ASP B 109 17.46 -17.80 -26.14
CA ASP B 109 18.66 -18.53 -25.78
C ASP B 109 19.12 -18.23 -24.34
N VAL B 110 19.61 -19.26 -23.66
CA VAL B 110 20.21 -19.13 -22.33
C VAL B 110 21.51 -19.94 -22.28
N LYS B 111 22.60 -19.33 -21.85
CA LYS B 111 23.90 -20.00 -21.87
C LYS B 111 24.82 -19.54 -20.73
N ALA B 112 25.58 -20.47 -20.18
CA ALA B 112 26.53 -20.10 -19.12
C ALA B 112 27.86 -19.69 -19.74
N LEU B 113 28.16 -18.39 -19.68
CA LEU B 113 29.43 -17.90 -20.19
C LEU B 113 30.60 -18.40 -19.34
N SER B 114 30.37 -18.45 -18.04
CA SER B 114 31.36 -18.97 -17.09
C SER B 114 30.64 -19.60 -15.91
N LYS B 115 31.36 -19.77 -14.80
CA LYS B 115 30.79 -20.38 -13.61
C LYS B 115 29.85 -19.43 -12.89
N THR B 116 29.95 -18.14 -13.22
CA THR B 116 29.21 -17.10 -12.51
C THR B 116 28.58 -16.09 -13.47
N GLU B 117 28.60 -16.39 -14.75
CA GLU B 117 27.99 -15.53 -15.75
C GLU B 117 26.93 -16.27 -16.55
N LEU B 118 25.71 -15.75 -16.51
CA LEU B 118 24.59 -16.35 -17.21
C LEU B 118 24.11 -15.35 -18.25
N GLN B 119 24.08 -15.79 -19.50
CA GLN B 119 23.67 -14.92 -20.58
C GLN B 119 22.29 -15.28 -21.09
N ILE B 120 21.39 -14.32 -21.04
CA ILE B 120 20.04 -14.53 -21.52
C ILE B 120 19.73 -13.63 -22.71
N THR B 121 19.20 -14.23 -23.76
CA THR B 121 18.88 -13.51 -24.98
C THR B 121 17.38 -13.52 -25.24
N LEU B 122 16.80 -12.33 -25.33
CA LEU B 122 15.38 -12.19 -25.57
C LEU B 122 15.17 -11.76 -27.01
N LYS B 123 13.91 -11.69 -27.44
CA LYS B 123 13.58 -11.19 -28.76
C LYS B 123 13.45 -9.68 -28.74
N SER B 124 12.81 -9.15 -27.71
CA SER B 124 12.70 -7.71 -27.53
C SER B 124 13.39 -7.32 -26.22
N ALA B 125 13.48 -6.01 -25.96
CA ALA B 125 14.04 -5.54 -24.70
C ALA B 125 13.02 -5.67 -23.57
N TYR B 126 12.14 -6.65 -23.71
CA TYR B 126 11.05 -6.92 -22.77
C TYR B 126 11.07 -6.11 -21.46
N TYR B 127 10.20 -5.12 -21.37
CA TYR B 127 10.22 -4.20 -20.23
C TYR B 127 9.94 -4.85 -18.86
N PRO B 128 9.05 -5.86 -18.81
CA PRO B 128 8.78 -6.57 -17.55
C PRO B 128 9.79 -7.68 -17.24
N PHE B 129 10.92 -7.71 -17.95
CA PHE B 129 11.90 -8.79 -17.82
C PHE B 129 12.26 -9.20 -16.38
N LEU B 130 12.77 -8.25 -15.60
CA LEU B 130 13.17 -8.55 -14.22
C LEU B 130 11.98 -8.93 -13.34
N GLN B 131 10.85 -8.25 -13.53
CA GLN B 131 9.67 -8.55 -12.74
C GLN B 131 9.23 -10.01 -12.89
N GLU B 132 9.31 -10.53 -14.10
CA GLU B 132 8.86 -11.90 -14.33
C GLU B 132 9.90 -12.91 -13.86
N LEU B 133 11.18 -12.54 -13.95
CA LEU B 133 12.22 -13.36 -13.32
C LEU B 133 11.96 -13.52 -11.84
N ALA B 134 11.30 -12.52 -11.25
CA ALA B 134 11.08 -12.48 -9.80
C ALA B 134 9.90 -13.33 -9.32
N LEU B 135 9.05 -13.77 -10.24
CA LEU B 135 7.83 -14.49 -9.85
C LEU B 135 8.13 -15.79 -9.13
N PRO B 136 7.19 -16.25 -8.30
CA PRO B 136 7.32 -17.54 -7.59
C PRO B 136 7.63 -18.69 -8.54
N ARG B 137 7.02 -18.68 -9.72
CA ARG B 137 7.26 -19.70 -10.75
C ARG B 137 6.98 -19.05 -12.10
N PRO B 138 7.58 -19.59 -13.18
CA PRO B 138 8.38 -20.81 -13.20
C PRO B 138 9.89 -20.63 -13.15
N PHE B 139 10.39 -19.40 -13.10
CA PHE B 139 11.83 -19.20 -13.28
C PHE B 139 12.68 -19.26 -12.01
N ARG B 140 12.51 -20.31 -11.23
CA ARG B 140 13.35 -20.49 -10.05
C ARG B 140 14.06 -21.83 -10.12
N PHE B 141 14.98 -22.06 -9.19
CA PHE B 141 16.02 -23.06 -9.43
C PHE B 141 16.02 -24.28 -8.52
N ILE B 142 15.80 -25.45 -9.15
CA ILE B 142 15.94 -26.73 -8.46
C ILE B 142 17.28 -27.37 -8.82
N ALA B 143 17.85 -28.07 -7.85
CA ALA B 143 19.13 -28.75 -8.04
C ALA B 143 19.05 -29.68 -9.25
N PRO B 144 19.93 -29.45 -10.24
CA PRO B 144 19.92 -30.24 -11.48
C PRO B 144 19.95 -31.75 -11.22
N SER B 145 20.60 -32.16 -10.13
CA SER B 145 20.67 -33.57 -9.76
C SER B 145 19.32 -34.14 -9.38
N GLN B 146 18.29 -33.31 -9.46
CA GLN B 146 16.95 -33.71 -9.07
C GLN B 146 15.97 -33.67 -10.24
N PHE B 147 16.48 -33.33 -11.43
CA PHE B 147 15.74 -33.53 -12.66
C PHE B 147 15.50 -35.03 -12.84
N LYS B 148 14.42 -35.39 -13.52
CA LYS B 148 14.23 -36.77 -13.96
C LYS B 148 14.53 -36.85 -15.44
N ASN B 149 15.55 -37.63 -15.78
CA ASN B 149 15.93 -37.81 -17.16
C ASN B 149 16.16 -36.46 -17.83
N HIS B 150 16.94 -35.63 -17.13
CA HIS B 150 17.33 -34.29 -17.60
C HIS B 150 16.13 -33.38 -17.89
N GLU B 151 15.04 -33.62 -17.19
CA GLU B 151 13.80 -32.88 -17.41
C GLU B 151 13.11 -32.60 -16.08
N THR B 152 12.31 -31.54 -16.02
CA THR B 152 11.45 -31.32 -14.87
C THR B 152 9.97 -31.43 -15.24
N MET B 153 9.67 -31.38 -16.53
CA MET B 153 8.28 -31.31 -16.97
C MET B 153 7.51 -32.59 -16.68
N ASN B 154 8.23 -33.69 -16.47
CA ASN B 154 7.62 -34.97 -16.15
C ASN B 154 7.74 -35.33 -14.68
N GLY B 155 8.13 -34.36 -13.85
CA GLY B 155 8.33 -34.61 -12.44
C GLY B 155 9.77 -34.39 -11.99
N ILE B 156 9.96 -34.27 -10.69
CA ILE B 156 11.30 -34.15 -10.13
C ILE B 156 11.49 -35.27 -9.13
N LYS B 157 12.69 -35.36 -8.57
CA LYS B 157 12.96 -36.30 -7.51
C LYS B 157 12.68 -35.65 -6.16
N ALA B 158 13.68 -34.98 -5.59
CA ALA B 158 13.50 -34.25 -4.34
C ALA B 158 13.49 -32.74 -4.56
N PRO B 159 12.65 -32.02 -3.80
CA PRO B 159 12.45 -30.57 -3.97
C PRO B 159 13.63 -29.75 -3.44
N ILE B 160 14.81 -29.94 -4.00
CA ILE B 160 16.01 -29.30 -3.46
C ILE B 160 16.25 -27.93 -4.06
N GLY B 161 16.07 -26.90 -3.24
CA GLY B 161 16.27 -25.53 -3.69
C GLY B 161 17.38 -24.85 -2.93
N THR B 162 17.55 -23.56 -3.20
CA THR B 162 18.56 -22.74 -2.53
C THR B 162 17.93 -21.92 -1.42
N GLY B 163 16.60 -21.98 -1.32
CA GLY B 163 15.87 -21.16 -0.38
C GLY B 163 16.20 -21.41 1.09
N PRO B 164 15.64 -20.58 1.97
CA PRO B 164 15.84 -20.66 3.43
C PRO B 164 15.03 -21.77 4.12
N TRP B 165 14.11 -22.42 3.40
CA TRP B 165 13.33 -23.50 3.98
C TRP B 165 13.48 -24.80 3.18
N ILE B 166 13.42 -25.93 3.89
CA ILE B 166 13.59 -27.24 3.30
C ILE B 166 12.36 -28.09 3.63
N LEU B 167 11.70 -28.64 2.62
CA LEU B 167 10.56 -29.48 2.91
C LEU B 167 11.08 -30.75 3.56
N GLN B 168 10.52 -31.12 4.70
CA GLN B 168 11.06 -32.25 5.45
C GLN B 168 10.12 -33.46 5.48
N GLU B 169 8.83 -33.19 5.51
CA GLU B 169 7.85 -34.26 5.67
C GLU B 169 6.49 -33.84 5.13
N SER B 170 5.85 -34.71 4.35
CA SER B 170 4.52 -34.45 3.79
C SER B 170 3.62 -35.65 4.03
N LYS B 171 2.52 -35.44 4.76
CA LYS B 171 1.52 -36.50 4.92
C LYS B 171 0.19 -36.07 4.34
N LEU B 172 -0.24 -36.80 3.31
CA LEU B 172 -1.47 -36.50 2.58
C LEU B 172 -2.66 -36.19 3.50
N ASN B 173 -3.32 -35.08 3.21
CA ASN B 173 -4.49 -34.65 3.98
C ASN B 173 -4.22 -34.43 5.46
N GLN B 174 -2.94 -34.37 5.85
CA GLN B 174 -2.61 -34.20 7.25
C GLN B 174 -1.75 -32.96 7.48
N TYR B 175 -0.58 -32.92 6.85
CA TYR B 175 0.34 -31.82 7.10
C TYR B 175 1.61 -31.89 6.29
N ASP B 176 2.25 -30.74 6.17
CA ASP B 176 3.58 -30.63 5.59
C ASP B 176 4.48 -29.92 6.59
N VAL B 177 5.72 -30.40 6.73
CA VAL B 177 6.66 -29.82 7.66
C VAL B 177 7.89 -29.31 6.93
N PHE B 178 8.22 -28.03 7.17
CA PHE B 178 9.45 -27.44 6.67
C PHE B 178 10.40 -27.14 7.83
N VAL B 179 11.69 -27.28 7.59
CA VAL B 179 12.69 -26.79 8.53
C VAL B 179 13.62 -25.76 7.90
N ARG B 180 14.19 -24.91 8.73
CA ARG B 180 15.17 -23.92 8.29
C ARG B 180 16.36 -24.59 7.57
N ASN B 181 16.81 -23.98 6.49
CA ASN B 181 17.99 -24.46 5.76
C ASN B 181 19.25 -23.97 6.46
N GLU B 182 19.98 -24.86 7.12
CA GLU B 182 21.11 -24.46 7.95
C GLU B 182 22.30 -24.00 7.12
N ASN B 183 22.24 -24.25 5.82
CA ASN B 183 23.30 -23.80 4.91
C ASN B 183 22.78 -22.81 3.87
N TYR B 184 21.84 -21.97 4.30
CA TYR B 184 21.28 -20.96 3.44
C TYR B 184 22.31 -19.86 3.21
N TRP B 185 22.37 -19.34 2.00
CA TRP B 185 23.40 -18.38 1.63
C TRP B 185 23.15 -16.99 2.23
N GLY B 186 21.90 -16.68 2.52
CA GLY B 186 21.54 -15.36 3.02
C GLY B 186 21.24 -15.33 4.51
N GLU B 187 20.36 -14.43 4.89
CA GLU B 187 19.93 -14.28 6.29
C GLU B 187 19.37 -15.57 6.85
N LYS B 188 19.63 -15.81 8.15
CA LYS B 188 19.10 -16.99 8.81
C LYS B 188 17.79 -16.67 9.51
N PRO B 189 16.69 -17.33 9.10
CA PRO B 189 15.41 -17.10 9.76
C PRO B 189 15.45 -17.47 11.24
N ALA B 190 14.75 -16.69 12.06
CA ALA B 190 14.64 -16.97 13.49
C ALA B 190 13.82 -18.23 13.77
N ILE B 191 12.85 -18.52 12.91
CA ILE B 191 12.05 -19.73 13.04
C ILE B 191 12.80 -20.93 12.49
N LYS B 192 12.77 -22.04 13.23
CA LYS B 192 13.56 -23.21 12.86
C LYS B 192 12.72 -24.28 12.17
N LYS B 193 11.41 -24.27 12.43
CA LYS B 193 10.50 -25.27 11.90
C LYS B 193 9.10 -24.68 11.70
N ILE B 194 8.46 -25.05 10.61
CA ILE B 194 7.11 -24.59 10.32
C ILE B 194 6.25 -25.77 9.91
N THR B 195 5.16 -25.99 10.64
CA THR B 195 4.26 -27.08 10.29
C THR B 195 2.97 -26.52 9.69
N PHE B 196 2.61 -27.01 8.50
CA PHE B 196 1.35 -26.64 7.88
C PHE B 196 0.32 -27.75 8.07
N ASN B 197 -0.68 -27.49 8.90
CA ASN B 197 -1.79 -28.43 9.06
C ASN B 197 -2.80 -28.27 7.94
N VAL B 198 -3.21 -29.37 7.32
CA VAL B 198 -4.13 -29.33 6.18
C VAL B 198 -5.58 -29.20 6.63
N ILE B 199 -6.15 -28.02 6.43
CA ILE B 199 -7.48 -27.67 6.93
C ILE B 199 -8.29 -26.93 5.88
N PRO B 200 -9.12 -27.65 5.14
CA PRO B 200 -9.84 -27.11 3.98
C PRO B 200 -10.94 -26.11 4.36
N ASP B 201 -11.57 -26.32 5.52
CA ASP B 201 -12.72 -25.53 5.95
C ASP B 201 -12.30 -24.22 6.67
N PRO B 202 -12.75 -23.05 6.18
CA PRO B 202 -12.40 -21.75 6.79
C PRO B 202 -12.86 -21.69 8.24
N THR B 203 -14.01 -22.28 8.52
CA THR B 203 -14.52 -22.29 9.89
C THR B 203 -13.60 -23.12 10.81
N THR B 204 -13.09 -24.25 10.30
CA THR B 204 -12.20 -25.10 11.10
C THR B 204 -10.83 -24.43 11.29
N ARG B 205 -10.39 -23.67 10.29
CA ARG B 205 -9.14 -22.93 10.44
C ARG B 205 -9.31 -21.93 11.56
N ALA B 206 -10.49 -21.30 11.61
CA ALA B 206 -10.80 -20.34 12.67
C ALA B 206 -10.72 -20.99 14.06
N VAL B 207 -11.29 -22.18 14.19
CA VAL B 207 -11.30 -22.85 15.49
C VAL B 207 -9.90 -23.27 15.90
N ALA B 208 -9.14 -23.79 14.94
CA ALA B 208 -7.77 -24.23 15.17
C ALA B 208 -6.93 -23.07 15.71
N PHE B 209 -7.12 -21.89 15.14
CA PHE B 209 -6.44 -20.70 15.66
C PHE B 209 -6.91 -20.33 17.06
N GLU B 210 -8.23 -20.17 17.22
CA GLU B 210 -8.78 -19.72 18.50
C GLU B 210 -8.41 -20.64 19.69
N THR B 211 -8.33 -21.95 19.46
CA THR B 211 -7.90 -22.87 20.50
C THR B 211 -6.40 -22.83 20.77
N GLY B 212 -5.64 -22.15 19.93
CA GLY B 212 -4.20 -22.10 20.10
C GLY B 212 -3.46 -23.22 19.38
N ASP B 213 -4.21 -24.11 18.73
CA ASP B 213 -3.59 -25.22 18.01
C ASP B 213 -2.69 -24.74 16.88
N ILE B 214 -3.09 -23.66 16.20
CA ILE B 214 -2.16 -23.01 15.27
C ILE B 214 -1.87 -21.58 15.70
N ASP B 215 -0.76 -21.04 15.21
CA ASP B 215 -0.23 -19.78 15.73
C ASP B 215 -0.53 -18.60 14.84
N LEU B 216 -0.87 -18.87 13.58
CA LEU B 216 -0.88 -17.83 12.54
C LEU B 216 -1.70 -18.26 11.34
N LEU B 217 -2.47 -17.34 10.81
CA LEU B 217 -3.15 -17.51 9.54
C LEU B 217 -2.84 -16.27 8.68
N TYR B 218 -2.60 -16.47 7.40
CA TYR B 218 -2.17 -15.39 6.53
C TYR B 218 -2.68 -15.73 5.12
N GLY B 219 -3.48 -14.85 4.52
CA GLY B 219 -4.12 -15.20 3.26
C GLY B 219 -5.10 -14.14 2.83
N ASN B 220 -5.87 -14.43 1.79
CA ASN B 220 -6.80 -13.46 1.23
C ASN B 220 -8.16 -13.49 1.95
N GLU B 221 -9.21 -13.02 1.27
CA GLU B 221 -10.51 -12.85 1.91
C GLU B 221 -11.17 -14.19 2.27
N GLY B 222 -10.63 -15.28 1.73
CA GLY B 222 -11.17 -16.59 2.02
C GLY B 222 -10.47 -17.28 3.18
N LEU B 223 -9.58 -16.54 3.85
CA LEU B 223 -8.76 -17.11 4.95
C LEU B 223 -9.59 -17.70 6.07
N LEU B 224 -10.59 -16.96 6.52
CA LEU B 224 -11.49 -17.44 7.55
C LEU B 224 -12.80 -16.65 7.44
N PRO B 225 -13.86 -17.12 8.13
CA PRO B 225 -15.14 -16.40 8.04
C PRO B 225 -14.96 -14.96 8.47
N LEU B 226 -15.53 -14.02 7.73
CA LEU B 226 -15.25 -12.61 7.99
C LEU B 226 -15.97 -12.09 9.24
N ASP B 227 -17.11 -12.71 9.60
CA ASP B 227 -17.72 -12.36 10.87
C ASP B 227 -16.81 -12.76 12.05
N THR B 228 -16.20 -13.93 11.95
CA THR B 228 -15.24 -14.35 12.98
C THR B 228 -14.04 -13.40 12.99
N PHE B 229 -13.55 -13.05 11.81
CA PHE B 229 -12.40 -12.14 11.75
C PHE B 229 -12.70 -10.84 12.47
N ALA B 230 -13.88 -10.29 12.23
CA ALA B 230 -14.28 -9.03 12.86
C ALA B 230 -14.33 -9.20 14.38
N ARG B 231 -14.81 -10.35 14.84
CA ARG B 231 -14.82 -10.62 16.26
C ARG B 231 -13.40 -10.71 16.84
N PHE B 232 -12.53 -11.42 16.12
CA PHE B 232 -11.14 -11.57 16.53
C PHE B 232 -10.49 -10.19 16.69
N SER B 233 -10.77 -9.30 15.74
CA SER B 233 -10.12 -7.99 15.73
C SER B 233 -10.47 -7.14 16.95
N GLN B 234 -11.59 -7.47 17.59
CA GLN B 234 -12.05 -6.75 18.78
C GLN B 234 -11.61 -7.38 20.09
N ASN B 235 -10.82 -8.44 20.02
CA ASN B 235 -10.42 -9.15 21.24
C ASN B 235 -8.91 -9.19 21.42
N PRO B 236 -8.38 -8.54 22.47
CA PRO B 236 -6.93 -8.45 22.61
C PRO B 236 -6.27 -9.81 22.90
N ALA B 237 -7.07 -10.86 23.09
CA ALA B 237 -6.52 -12.21 23.20
C ALA B 237 -5.84 -12.64 21.89
N TYR B 238 -6.21 -11.98 20.80
CA TYR B 238 -5.67 -12.29 19.47
C TYR B 238 -5.14 -11.01 18.83
N HIS B 239 -4.51 -11.18 17.68
CA HIS B 239 -4.06 -10.04 16.89
C HIS B 239 -4.55 -10.27 15.47
N THR B 240 -5.03 -9.21 14.83
CA THR B 240 -5.46 -9.28 13.44
C THR B 240 -4.90 -8.10 12.66
N GLN B 241 -4.79 -8.29 11.35
CA GLN B 241 -4.36 -7.25 10.42
C GLN B 241 -5.12 -7.36 9.11
N LEU B 242 -5.26 -6.23 8.45
CA LEU B 242 -5.90 -6.13 7.13
C LEU B 242 -5.01 -5.20 6.32
N SER B 243 -4.41 -5.71 5.25
CA SER B 243 -3.52 -4.88 4.43
C SER B 243 -4.32 -3.89 3.58
N GLN B 244 -3.59 -3.05 2.87
CA GLN B 244 -4.23 -2.27 1.81
CA GLN B 244 -4.18 -2.26 1.78
C GLN B 244 -4.56 -3.23 0.66
N PRO B 245 -5.55 -2.87 -0.18
CA PRO B 245 -6.01 -3.86 -1.17
C PRO B 245 -4.88 -4.36 -2.08
N ILE B 246 -4.97 -5.62 -2.50
CA ILE B 246 -3.93 -6.23 -3.30
C ILE B 246 -4.40 -6.61 -4.71
N GLU B 247 -5.71 -6.79 -4.89
CA GLU B 247 -6.22 -7.23 -6.19
C GLU B 247 -7.75 -7.15 -6.27
N THR B 248 -8.29 -7.37 -7.46
CA THR B 248 -9.71 -7.19 -7.69
C THR B 248 -10.43 -8.53 -7.70
N VAL B 249 -11.62 -8.56 -7.10
CA VAL B 249 -12.57 -9.68 -7.26
C VAL B 249 -13.72 -9.20 -8.12
N MET B 250 -14.11 -10.01 -9.10
CA MET B 250 -15.10 -9.58 -10.08
CA MET B 250 -15.11 -9.58 -10.07
C MET B 250 -15.81 -10.78 -10.69
N LEU B 251 -16.88 -10.52 -11.43
CA LEU B 251 -17.45 -11.57 -12.25
C LEU B 251 -16.87 -11.38 -13.64
N ALA B 252 -16.60 -12.48 -14.33
CA ALA B 252 -16.37 -12.45 -15.76
C ALA B 252 -17.67 -12.85 -16.47
N LEU B 253 -18.07 -12.03 -17.45
CA LEU B 253 -19.30 -12.26 -18.22
C LEU B 253 -18.94 -12.79 -19.61
N ASN B 254 -19.62 -13.85 -20.05
CA ASN B 254 -19.24 -14.50 -21.31
C ASN B 254 -19.85 -13.78 -22.49
N THR B 255 -19.04 -12.97 -23.18
CA THR B 255 -19.54 -12.16 -24.30
C THR B 255 -19.93 -13.01 -25.51
N ALA B 256 -19.59 -14.30 -25.45
CA ALA B 256 -19.87 -15.23 -26.54
C ALA B 256 -21.01 -16.20 -26.22
N LYS B 257 -21.70 -15.98 -25.10
CA LYS B 257 -22.82 -16.84 -24.74
C LYS B 257 -24.10 -16.06 -24.43
N ALA B 258 -25.19 -16.37 -25.12
CA ALA B 258 -26.48 -15.73 -24.82
C ALA B 258 -26.82 -15.94 -23.34
N PRO B 259 -27.39 -14.90 -22.69
CA PRO B 259 -27.68 -13.56 -23.18
C PRO B 259 -26.57 -12.54 -22.88
N THR B 260 -25.50 -12.98 -22.24
CA THR B 260 -24.40 -12.07 -21.91
C THR B 260 -23.59 -11.68 -23.15
N ASN B 261 -23.94 -12.25 -24.29
CA ASN B 261 -23.30 -11.87 -25.55
C ASN B 261 -23.74 -10.47 -25.96
N GLU B 262 -24.83 -10.00 -25.35
CA GLU B 262 -25.35 -8.68 -25.64
C GLU B 262 -24.74 -7.60 -24.76
N LEU B 263 -24.15 -6.59 -25.41
CA LEU B 263 -23.53 -5.48 -24.67
C LEU B 263 -24.51 -4.84 -23.69
N ALA B 264 -25.73 -4.58 -24.14
CA ALA B 264 -26.72 -3.94 -23.28
C ALA B 264 -27.02 -4.78 -22.04
N VAL B 265 -26.96 -6.10 -22.16
CA VAL B 265 -27.17 -6.99 -21.02
C VAL B 265 -26.00 -6.87 -20.04
N ARG B 266 -24.77 -6.93 -20.56
CA ARG B 266 -23.59 -6.82 -19.71
C ARG B 266 -23.58 -5.45 -19.01
N GLU B 267 -24.01 -4.42 -19.73
CA GLU B 267 -24.06 -3.07 -19.16
C GLU B 267 -25.10 -2.97 -18.04
N ALA B 268 -26.25 -3.60 -18.23
CA ALA B 268 -27.31 -3.57 -17.23
C ALA B 268 -26.90 -4.34 -15.97
N LEU B 269 -26.24 -5.49 -16.14
CA LEU B 269 -25.76 -6.25 -15.00
C LEU B 269 -24.78 -5.39 -14.19
N ASN B 270 -24.01 -4.59 -14.89
CA ASN B 270 -23.02 -3.75 -14.22
C ASN B 270 -23.63 -2.60 -13.43
N TYR B 271 -24.92 -2.37 -13.61
CA TYR B 271 -25.62 -1.34 -12.83
C TYR B 271 -26.45 -2.00 -11.74
N ALA B 272 -26.59 -3.32 -11.79
CA ALA B 272 -27.59 -4.02 -10.98
C ALA B 272 -27.19 -4.34 -9.54
N VAL B 273 -25.90 -4.54 -9.29
CA VAL B 273 -25.49 -5.02 -7.97
C VAL B 273 -25.25 -3.87 -7.01
N ASN B 274 -25.81 -4.00 -5.82
CA ASN B 274 -25.55 -3.05 -4.74
C ASN B 274 -24.25 -3.43 -4.04
N LYS B 275 -23.13 -2.94 -4.56
CA LYS B 275 -21.82 -3.37 -4.06
C LYS B 275 -21.51 -2.87 -2.64
N LYS B 276 -21.86 -1.63 -2.35
CA LYS B 276 -21.70 -1.07 -1.01
C LYS B 276 -22.37 -1.95 0.05
N SER B 277 -23.61 -2.36 -0.22
CA SER B 277 -24.34 -3.19 0.73
C SER B 277 -23.70 -4.56 0.83
N LEU B 278 -23.23 -5.08 -0.31
CA LEU B 278 -22.57 -6.37 -0.35
CA LEU B 278 -22.56 -6.37 -0.34
C LEU B 278 -21.30 -6.36 0.51
N ILE B 279 -20.52 -5.30 0.37
CA ILE B 279 -19.26 -5.14 1.11
C ILE B 279 -19.45 -4.77 2.59
N ASP B 280 -20.33 -3.81 2.84
CA ASP B 280 -20.59 -3.31 4.19
C ASP B 280 -21.17 -4.39 5.08
N ASN B 281 -22.02 -5.23 4.51
CA ASN B 281 -22.71 -6.24 5.30
C ASN B 281 -22.09 -7.62 5.20
N ALA B 282 -22.35 -8.32 4.10
CA ALA B 282 -21.80 -9.67 3.90
C ALA B 282 -20.28 -9.78 4.13
N LEU B 283 -19.53 -8.76 3.74
CA LEU B 283 -18.07 -8.84 3.85
C LEU B 283 -17.55 -8.05 5.05
N TYR B 284 -18.48 -7.49 5.83
CA TYR B 284 -18.17 -6.87 7.12
C TYR B 284 -17.25 -5.65 7.00
N GLY B 285 -17.33 -4.95 5.89
CA GLY B 285 -16.57 -3.73 5.69
C GLY B 285 -15.08 -3.95 5.51
N THR B 286 -14.69 -5.20 5.29
CA THR B 286 -13.28 -5.54 5.23
C THR B 286 -12.68 -5.38 3.83
N GLN B 287 -13.52 -5.03 2.84
CA GLN B 287 -12.95 -4.81 1.52
CA GLN B 287 -13.07 -4.88 1.47
C GLN B 287 -13.54 -3.53 0.93
N GLN B 288 -13.04 -3.14 -0.24
CA GLN B 288 -13.46 -1.88 -0.84
C GLN B 288 -14.26 -2.13 -2.13
N VAL B 289 -15.28 -1.29 -2.37
CA VAL B 289 -16.09 -1.39 -3.58
C VAL B 289 -15.18 -1.18 -4.80
N ALA B 290 -15.36 -1.99 -5.85
CA ALA B 290 -14.59 -1.80 -7.08
C ALA B 290 -15.47 -1.38 -8.27
N ASP B 291 -15.03 -0.35 -8.99
CA ASP B 291 -15.76 0.13 -10.17
C ASP B 291 -15.09 -0.32 -11.47
N THR B 292 -13.82 -0.74 -11.38
CA THR B 292 -13.04 -1.02 -12.59
C THR B 292 -12.23 -2.28 -12.42
N LEU B 293 -11.91 -2.93 -13.54
CA LEU B 293 -11.06 -4.13 -13.54
C LEU B 293 -9.85 -3.96 -12.62
N PHE B 294 -9.07 -2.90 -12.85
CA PHE B 294 -7.97 -2.57 -11.96
C PHE B 294 -8.28 -1.32 -11.15
N ALA B 295 -7.94 -1.34 -9.85
CA ALA B 295 -8.10 -0.15 -9.02
C ALA B 295 -7.26 0.97 -9.61
N PRO B 296 -7.66 2.22 -9.36
CA PRO B 296 -6.91 3.35 -9.90
C PRO B 296 -5.46 3.41 -9.44
N SER B 297 -5.11 2.81 -8.29
CA SER B 297 -3.73 2.81 -7.78
C SER B 297 -2.81 1.84 -8.51
N VAL B 298 -3.39 0.94 -9.31
CA VAL B 298 -2.60 0.00 -10.10
C VAL B 298 -1.84 0.74 -11.19
N PRO B 299 -0.59 0.32 -11.48
CA PRO B 299 0.23 0.96 -12.51
C PRO B 299 -0.49 1.01 -13.86
N TYR B 300 -0.42 2.17 -14.53
CA TYR B 300 -1.04 2.41 -15.85
C TYR B 300 -2.57 2.48 -15.86
N ALA B 301 -3.19 2.37 -14.69
CA ALA B 301 -4.64 2.20 -14.65
C ALA B 301 -5.45 3.38 -14.09
N ASN B 302 -4.80 4.51 -13.80
CA ASN B 302 -5.54 5.67 -13.32
C ASN B 302 -6.06 6.43 -14.53
N LEU B 303 -7.16 5.95 -15.09
CA LEU B 303 -7.63 6.41 -16.40
C LEU B 303 -8.89 7.24 -16.34
N GLY B 304 -9.42 7.44 -15.13
CA GLY B 304 -10.65 8.19 -14.99
C GLY B 304 -11.82 7.49 -15.68
N LEU B 305 -11.78 6.16 -15.73
CA LEU B 305 -12.89 5.39 -16.31
C LEU B 305 -14.20 5.66 -15.57
N LYS B 306 -15.30 5.76 -16.33
CA LYS B 306 -16.60 6.08 -15.73
C LYS B 306 -17.19 4.89 -14.98
N PRO B 307 -17.52 5.07 -13.70
CA PRO B 307 -18.08 3.94 -12.96
C PRO B 307 -19.53 3.70 -13.36
N SER B 308 -19.97 2.44 -13.24
CA SER B 308 -21.39 2.14 -13.26
C SER B 308 -21.80 1.89 -11.81
N GLN B 309 -22.36 2.91 -11.19
CA GLN B 309 -22.82 2.80 -9.82
C GLN B 309 -24.10 1.98 -9.77
N TYR B 310 -24.48 1.58 -8.58
CA TYR B 310 -25.72 0.84 -8.37
C TYR B 310 -26.90 1.73 -8.80
N ASP B 311 -27.52 1.40 -9.92
CA ASP B 311 -28.64 2.18 -10.46
C ASP B 311 -29.58 1.27 -11.20
N PRO B 312 -30.52 0.65 -10.48
CA PRO B 312 -31.46 -0.31 -11.09
C PRO B 312 -32.29 0.28 -12.23
N GLN B 313 -32.50 1.60 -12.17
CA GLN B 313 -33.35 2.27 -13.16
C GLN B 313 -32.62 2.30 -14.51
N LYS B 314 -31.34 2.61 -14.47
CA LYS B 314 -30.53 2.58 -15.68
C LYS B 314 -30.50 1.17 -16.27
N ALA B 315 -30.32 0.17 -15.41
CA ALA B 315 -30.28 -1.24 -15.83
C ALA B 315 -31.55 -1.64 -16.59
N LYS B 316 -32.71 -1.39 -15.99
CA LYS B 316 -33.98 -1.73 -16.60
C LYS B 316 -34.20 -1.01 -17.93
N ALA B 317 -33.81 0.26 -17.98
CA ALA B 317 -34.02 1.05 -19.18
C ALA B 317 -33.15 0.50 -20.32
N LEU B 318 -31.93 0.11 -19.98
CA LEU B 318 -31.01 -0.50 -20.96
C LEU B 318 -31.59 -1.80 -21.52
N LEU B 319 -32.07 -2.66 -20.63
CA LEU B 319 -32.70 -3.91 -21.05
C LEU B 319 -33.93 -3.68 -21.94
N GLU B 320 -34.82 -2.80 -21.52
CA GLU B 320 -35.98 -2.44 -22.36
C GLU B 320 -35.53 -2.03 -23.76
N LYS B 321 -34.53 -1.16 -23.84
CA LYS B 321 -34.03 -0.71 -25.13
C LYS B 321 -33.50 -1.87 -25.97
N ALA B 322 -32.90 -2.86 -25.31
CA ALA B 322 -32.33 -4.01 -26.00
C ALA B 322 -33.38 -5.08 -26.32
N GLY B 323 -34.62 -4.79 -25.94
CA GLY B 323 -35.73 -5.68 -26.26
C GLY B 323 -36.05 -6.72 -25.21
N TRP B 324 -35.32 -6.70 -24.11
CA TRP B 324 -35.62 -7.56 -22.97
C TRP B 324 -36.76 -6.94 -22.19
N THR B 325 -37.96 -7.40 -22.48
CA THR B 325 -39.17 -6.81 -21.91
CA THR B 325 -39.16 -6.81 -21.91
C THR B 325 -39.83 -7.72 -20.89
N LEU B 326 -40.55 -7.09 -19.97
CA LEU B 326 -41.24 -7.75 -18.88
C LEU B 326 -42.71 -7.92 -19.23
N PRO B 327 -43.25 -9.11 -18.99
CA PRO B 327 -44.72 -9.20 -19.03
C PRO B 327 -45.33 -9.14 -17.65
N ALA B 328 -46.66 -9.20 -17.62
CA ALA B 328 -47.37 -9.21 -16.36
C ALA B 328 -47.84 -10.63 -16.03
N GLY B 329 -47.89 -10.93 -14.74
CA GLY B 329 -47.39 -10.03 -13.72
C GLY B 329 -46.00 -10.47 -13.32
N LYS B 330 -45.23 -10.91 -14.31
CA LYS B 330 -43.95 -11.59 -14.09
C LYS B 330 -42.88 -10.73 -13.44
N ASP B 331 -41.68 -11.28 -13.36
CA ASP B 331 -40.51 -10.56 -12.89
C ASP B 331 -39.32 -10.78 -13.82
N ILE B 332 -39.38 -11.84 -14.63
CA ILE B 332 -38.24 -12.15 -15.50
C ILE B 332 -38.47 -11.78 -16.98
N ARG B 333 -37.56 -10.98 -17.51
CA ARG B 333 -37.68 -10.48 -18.86
C ARG B 333 -37.54 -11.55 -19.93
N GLU B 334 -38.04 -11.22 -21.12
CA GLU B 334 -37.98 -12.11 -22.26
C GLU B 334 -37.64 -11.35 -23.53
N LYS B 335 -37.00 -12.04 -24.47
CA LYS B 335 -36.64 -11.48 -25.75
C LYS B 335 -36.65 -12.59 -26.79
N ASN B 336 -37.40 -12.39 -27.88
CA ASN B 336 -37.52 -13.40 -28.93
C ASN B 336 -37.75 -14.82 -28.39
N GLY B 337 -38.70 -14.94 -27.46
CA GLY B 337 -39.05 -16.25 -26.89
C GLY B 337 -38.03 -16.85 -25.94
N GLN B 338 -37.10 -16.02 -25.43
CA GLN B 338 -36.08 -16.51 -24.49
C GLN B 338 -36.10 -15.72 -23.18
N PRO B 339 -36.02 -16.42 -22.03
CA PRO B 339 -36.00 -15.71 -20.75
C PRO B 339 -34.62 -15.09 -20.45
N LEU B 340 -34.61 -13.98 -19.72
CA LEU B 340 -33.34 -13.38 -19.30
C LEU B 340 -32.75 -14.20 -18.15
N ARG B 341 -32.23 -15.37 -18.50
CA ARG B 341 -31.69 -16.29 -17.51
C ARG B 341 -30.19 -16.43 -17.74
N ILE B 342 -29.43 -16.34 -16.67
CA ILE B 342 -27.97 -16.33 -16.77
C ILE B 342 -27.40 -17.24 -15.71
N GLU B 343 -26.55 -18.17 -16.11
CA GLU B 343 -25.97 -19.11 -15.17
C GLU B 343 -24.74 -18.52 -14.47
N LEU B 344 -24.78 -18.53 -13.13
CA LEU B 344 -23.63 -18.12 -12.34
C LEU B 344 -23.04 -19.37 -11.70
N SER B 345 -21.91 -19.83 -12.24
CA SER B 345 -21.34 -21.07 -11.76
C SER B 345 -20.23 -20.72 -10.77
N PHE B 346 -20.18 -21.44 -9.65
CA PHE B 346 -19.21 -21.16 -8.60
C PHE B 346 -18.93 -22.44 -7.82
N ILE B 347 -17.91 -22.39 -6.98
CA ILE B 347 -17.55 -23.54 -6.16
C ILE B 347 -18.58 -23.73 -5.05
N GLY B 348 -19.37 -24.78 -5.15
CA GLY B 348 -20.55 -24.96 -4.30
C GLY B 348 -20.25 -25.04 -2.82
N THR B 349 -19.08 -25.56 -2.47
CA THR B 349 -18.70 -25.76 -1.08
C THR B 349 -18.03 -24.52 -0.48
N ASP B 350 -17.76 -23.54 -1.32
CA ASP B 350 -17.15 -22.30 -0.86
C ASP B 350 -18.22 -21.35 -0.31
N ALA B 351 -18.32 -21.29 1.02
CA ALA B 351 -19.38 -20.57 1.71
C ALA B 351 -19.44 -19.11 1.30
N LEU B 352 -18.28 -18.49 1.12
CA LEU B 352 -18.22 -17.07 0.81
C LEU B 352 -18.72 -16.80 -0.60
N SER B 353 -18.30 -17.64 -1.54
CA SER B 353 -18.71 -17.48 -2.93
C SER B 353 -20.22 -17.67 -3.00
N LYS B 354 -20.71 -18.68 -2.28
CA LYS B 354 -22.13 -18.97 -2.24
C LYS B 354 -22.90 -17.79 -1.69
N SER B 355 -22.38 -17.17 -0.63
CA SER B 355 -23.03 -16.04 -0.01
CA SER B 355 -23.02 -16.03 0.00
C SER B 355 -23.08 -14.84 -0.96
N MET B 356 -21.99 -14.59 -1.68
CA MET B 356 -21.97 -13.50 -2.66
C MET B 356 -22.90 -13.79 -3.84
N ALA B 357 -22.90 -15.05 -4.28
CA ALA B 357 -23.73 -15.45 -5.42
C ALA B 357 -25.19 -15.23 -5.10
N GLU B 358 -25.59 -15.55 -3.88
CA GLU B 358 -26.97 -15.37 -3.45
C GLU B 358 -27.35 -13.90 -3.50
N ILE B 359 -26.46 -13.03 -3.02
CA ILE B 359 -26.76 -11.60 -3.00
C ILE B 359 -26.85 -11.07 -4.42
N ILE B 360 -25.90 -11.46 -5.26
CA ILE B 360 -25.93 -11.05 -6.66
C ILE B 360 -27.21 -11.54 -7.33
N GLN B 361 -27.60 -12.79 -7.06
CA GLN B 361 -28.82 -13.34 -7.62
C GLN B 361 -30.02 -12.45 -7.31
N ALA B 362 -30.14 -12.05 -6.05
CA ALA B 362 -31.27 -11.25 -5.59
C ALA B 362 -31.24 -9.85 -6.19
N ASP B 363 -30.06 -9.25 -6.28
CA ASP B 363 -29.97 -7.92 -6.87
C ASP B 363 -30.41 -7.98 -8.31
N MET B 364 -29.94 -8.99 -9.04
CA MET B 364 -30.24 -9.09 -10.46
C MET B 364 -31.71 -9.43 -10.72
N ARG B 365 -32.32 -10.16 -9.79
CA ARG B 365 -33.76 -10.43 -9.84
C ARG B 365 -34.53 -9.11 -9.89
N GLN B 366 -34.05 -8.12 -9.15
CA GLN B 366 -34.75 -6.83 -9.08
C GLN B 366 -34.79 -6.04 -10.39
N ILE B 367 -33.96 -6.40 -11.36
CA ILE B 367 -34.00 -5.76 -12.67
C ILE B 367 -34.51 -6.72 -13.73
N GLY B 368 -35.05 -7.85 -13.30
CA GLY B 368 -35.65 -8.80 -14.21
C GLY B 368 -34.73 -9.86 -14.80
N ALA B 369 -33.56 -10.05 -14.21
CA ALA B 369 -32.65 -11.10 -14.64
C ALA B 369 -32.68 -12.26 -13.66
N ASP B 370 -32.80 -13.46 -14.20
CA ASP B 370 -32.90 -14.66 -13.41
C ASP B 370 -31.55 -15.35 -13.37
N VAL B 371 -30.81 -15.14 -12.29
CA VAL B 371 -29.52 -15.81 -12.15
C VAL B 371 -29.72 -17.23 -11.61
N SER B 372 -29.20 -18.22 -12.35
CA SER B 372 -29.20 -19.60 -11.88
C SER B 372 -27.94 -19.87 -11.10
N LEU B 373 -28.09 -20.30 -9.85
CA LEU B 373 -26.94 -20.59 -9.01
C LEU B 373 -26.47 -22.02 -9.27
N ILE B 374 -25.37 -22.15 -10.00
CA ILE B 374 -24.86 -23.48 -10.32
C ILE B 374 -23.66 -23.76 -9.44
N GLY B 375 -23.92 -24.41 -8.31
CA GLY B 375 -22.84 -24.79 -7.42
C GLY B 375 -22.28 -26.13 -7.82
N GLU B 376 -20.96 -26.17 -7.99
CA GLU B 376 -20.30 -27.36 -8.48
C GLU B 376 -18.98 -27.58 -7.77
N GLU B 377 -18.44 -28.79 -7.92
CA GLU B 377 -17.14 -29.12 -7.36
C GLU B 377 -16.08 -28.24 -8.02
N GLU B 378 -15.08 -27.85 -7.24
CA GLU B 378 -14.02 -26.98 -7.73
C GLU B 378 -13.47 -27.40 -9.10
N SER B 379 -13.21 -28.69 -9.26
CA SER B 379 -12.63 -29.20 -10.50
C SER B 379 -13.51 -28.88 -11.72
N SER B 380 -14.83 -28.95 -11.53
CA SER B 380 -15.75 -28.69 -12.64
C SER B 380 -15.75 -27.20 -12.99
N ILE B 381 -15.61 -26.35 -11.98
CA ILE B 381 -15.54 -24.91 -12.21
C ILE B 381 -14.32 -24.53 -13.03
N TYR B 382 -13.20 -25.18 -12.74
CA TYR B 382 -11.97 -24.91 -13.49
C TYR B 382 -12.05 -25.40 -14.93
N ALA B 383 -12.73 -26.53 -15.15
CA ALA B 383 -12.98 -27.00 -16.50
C ALA B 383 -13.82 -25.97 -17.26
N ARG B 384 -14.86 -25.47 -16.62
CA ARG B 384 -15.71 -24.47 -17.25
C ARG B 384 -14.91 -23.24 -17.67
N GLN B 385 -14.14 -22.68 -16.73
CA GLN B 385 -13.31 -21.51 -17.03
C GLN B 385 -12.49 -21.75 -18.30
N ARG B 386 -11.90 -22.94 -18.41
CA ARG B 386 -11.04 -23.31 -19.52
C ARG B 386 -11.79 -23.50 -20.83
N ASP B 387 -12.92 -24.20 -20.76
CA ASP B 387 -13.72 -24.49 -21.94
C ASP B 387 -14.63 -23.34 -22.34
N GLY B 388 -14.75 -22.33 -21.48
CA GLY B 388 -15.66 -21.23 -21.78
C GLY B 388 -17.12 -21.65 -21.60
N ARG B 389 -17.33 -22.71 -20.83
CA ARG B 389 -18.68 -23.19 -20.54
C ARG B 389 -19.27 -22.51 -19.31
N PHE B 390 -19.57 -21.22 -19.44
CA PHE B 390 -20.14 -20.46 -18.34
C PHE B 390 -20.89 -19.23 -18.83
N GLY B 391 -21.81 -18.75 -18.00
CA GLY B 391 -22.49 -17.49 -18.25
C GLY B 391 -21.73 -16.37 -17.54
N MET B 392 -21.72 -16.45 -16.21
CA MET B 392 -20.92 -15.59 -15.36
C MET B 392 -20.14 -16.48 -14.40
N ILE B 393 -18.91 -16.09 -14.07
CA ILE B 393 -18.14 -16.84 -13.08
C ILE B 393 -17.43 -15.86 -12.19
N PHE B 394 -17.15 -16.27 -10.95
CA PHE B 394 -16.30 -15.42 -10.11
C PHE B 394 -14.89 -15.46 -10.68
N HIS B 395 -14.17 -14.37 -10.54
CA HIS B 395 -12.82 -14.27 -11.07
C HIS B 395 -12.08 -13.24 -10.23
N ARG B 396 -10.79 -13.08 -10.49
CA ARG B 396 -10.00 -12.14 -9.72
C ARG B 396 -8.74 -11.84 -10.50
N THR B 397 -8.18 -10.66 -10.28
CA THR B 397 -6.88 -10.32 -10.83
C THR B 397 -5.82 -10.89 -9.90
N TRP B 398 -4.56 -10.63 -10.21
CA TRP B 398 -3.47 -11.43 -9.68
C TRP B 398 -2.54 -10.71 -8.70
N GLY B 399 -2.72 -9.39 -8.53
CA GLY B 399 -1.90 -8.59 -7.65
C GLY B 399 -0.50 -8.33 -8.19
N ALA B 400 0.32 -7.66 -7.39
CA ALA B 400 1.69 -7.33 -7.81
C ALA B 400 2.57 -8.56 -7.86
N PRO B 401 3.47 -8.64 -8.86
CA PRO B 401 3.66 -7.66 -9.93
C PRO B 401 2.92 -8.07 -11.21
N TYR B 402 1.92 -8.94 -11.10
CA TYR B 402 1.21 -9.41 -12.29
C TYR B 402 0.31 -8.33 -12.90
N ASP B 403 -0.31 -7.50 -12.07
CA ASP B 403 -1.30 -6.56 -12.57
C ASP B 403 -0.66 -5.23 -12.95
N PRO B 404 -0.97 -4.71 -14.14
CA PRO B 404 -1.87 -5.29 -15.13
C PRO B 404 -1.16 -6.11 -16.21
N HIS B 405 0.16 -5.98 -16.31
CA HIS B 405 0.86 -6.49 -17.51
C HIS B 405 0.67 -8.00 -17.79
N ALA B 406 0.88 -8.85 -16.78
CA ALA B 406 0.76 -10.30 -17.00
C ALA B 406 -0.69 -10.76 -17.06
N PHE B 407 -1.56 -10.12 -16.28
CA PHE B 407 -2.99 -10.42 -16.38
C PHE B 407 -3.45 -10.20 -17.80
N LEU B 408 -3.01 -9.09 -18.38
CA LEU B 408 -3.32 -8.80 -19.78
C LEU B 408 -2.65 -9.78 -20.74
N SER B 409 -1.36 -10.07 -20.51
CA SER B 409 -0.64 -11.02 -21.37
C SER B 409 -1.42 -12.33 -21.50
N SER B 410 -1.89 -12.82 -20.37
CA SER B 410 -2.58 -14.10 -20.31
C SER B 410 -3.95 -14.11 -21.01
N MET B 411 -4.57 -12.93 -21.16
CA MET B 411 -5.84 -12.84 -21.92
C MET B 411 -5.76 -13.36 -23.36
N ARG B 412 -4.54 -13.54 -23.87
CA ARG B 412 -4.33 -14.03 -25.23
C ARG B 412 -4.28 -15.56 -25.34
N VAL B 413 -4.23 -16.24 -24.20
CA VAL B 413 -4.14 -17.69 -24.16
C VAL B 413 -5.54 -18.30 -24.11
N PRO B 414 -5.88 -19.15 -25.09
CA PRO B 414 -7.28 -19.59 -25.29
C PRO B 414 -7.82 -20.45 -24.15
N SER B 415 -6.96 -21.05 -23.36
CA SER B 415 -7.40 -22.04 -22.39
C SER B 415 -7.75 -21.45 -21.03
N HIS B 416 -8.03 -20.14 -20.99
CA HIS B 416 -8.36 -19.50 -19.71
C HIS B 416 -9.64 -18.67 -19.75
N ALA B 417 -10.15 -18.30 -18.58
CA ALA B 417 -11.46 -17.67 -18.47
C ALA B 417 -11.54 -16.33 -19.20
N ASP B 418 -10.48 -15.55 -19.13
CA ASP B 418 -10.49 -14.22 -19.72
C ASP B 418 -10.60 -14.28 -21.24
N PHE B 419 -9.73 -15.06 -21.85
CA PHE B 419 -9.79 -15.24 -23.29
C PHE B 419 -11.19 -15.74 -23.68
N GLN B 420 -11.70 -16.71 -22.94
CA GLN B 420 -13.00 -17.28 -23.25
C GLN B 420 -14.10 -16.24 -23.11
N ALA B 421 -14.05 -15.47 -22.02
CA ALA B 421 -15.08 -14.47 -21.77
C ALA B 421 -15.09 -13.38 -22.83
N GLN B 422 -13.93 -13.12 -23.43
CA GLN B 422 -13.82 -12.04 -24.41
C GLN B 422 -14.07 -12.49 -25.86
N GLN B 423 -14.32 -13.77 -26.06
CA GLN B 423 -14.48 -14.32 -27.42
C GLN B 423 -15.57 -13.71 -28.28
N GLY B 424 -16.60 -13.13 -27.66
CA GLY B 424 -17.69 -12.55 -28.41
C GLY B 424 -17.45 -11.12 -28.86
N LEU B 425 -16.32 -10.56 -28.47
CA LEU B 425 -16.00 -9.18 -28.82
C LEU B 425 -15.41 -9.03 -30.21
N ALA B 426 -16.02 -8.15 -31.01
CA ALA B 426 -15.49 -7.82 -32.32
C ALA B 426 -14.04 -7.36 -32.22
N ASP B 427 -13.73 -6.64 -31.15
CA ASP B 427 -12.41 -6.05 -30.95
C ASP B 427 -11.38 -7.00 -30.33
N LYS B 428 -11.77 -8.25 -30.10
CA LYS B 428 -10.90 -9.17 -29.39
C LYS B 428 -9.54 -9.35 -30.08
N PRO B 429 -9.54 -9.56 -31.40
CA PRO B 429 -8.26 -9.68 -32.12
C PRO B 429 -7.36 -8.46 -31.93
N LEU B 430 -7.95 -7.29 -32.04
CA LEU B 430 -7.24 -6.02 -31.89
C LEU B 430 -6.70 -5.83 -30.46
N ILE B 431 -7.53 -6.14 -29.47
CA ILE B 431 -7.11 -6.10 -28.07
C ILE B 431 -5.89 -6.99 -27.89
N ASP B 432 -5.95 -8.19 -28.44
CA ASP B 432 -4.81 -9.11 -28.30
C ASP B 432 -3.56 -8.59 -29.01
N LYS B 433 -3.76 -7.95 -30.16
CA LYS B 433 -2.64 -7.34 -30.88
C LYS B 433 -1.99 -6.25 -30.02
N GLU B 434 -2.82 -5.37 -29.48
CA GLU B 434 -2.33 -4.28 -28.64
C GLU B 434 -1.67 -4.77 -27.36
N ILE B 435 -2.15 -5.88 -26.81
CA ILE B 435 -1.46 -6.48 -25.67
C ILE B 435 -0.06 -6.89 -26.08
N GLY B 436 0.05 -7.53 -27.25
CA GLY B 436 1.34 -7.84 -27.83
C GLY B 436 2.23 -6.61 -27.88
N GLU B 437 1.69 -5.54 -28.45
CA GLU B 437 2.46 -4.32 -28.67
C GLU B 437 2.89 -3.66 -27.36
N VAL B 438 1.97 -3.57 -26.40
CA VAL B 438 2.27 -2.88 -25.15
C VAL B 438 3.37 -3.61 -24.36
N LEU B 439 3.43 -4.92 -24.52
CA LEU B 439 4.45 -5.72 -23.85
C LEU B 439 5.84 -5.53 -24.47
N ALA B 440 5.88 -5.19 -25.75
CA ALA B 440 7.15 -5.11 -26.47
C ALA B 440 7.69 -3.69 -26.68
N THR B 441 6.80 -2.71 -26.74
CA THR B 441 7.19 -1.34 -27.01
C THR B 441 8.14 -0.82 -25.94
N HIS B 442 9.03 0.08 -26.31
CA HIS B 442 9.82 0.78 -25.31
C HIS B 442 9.64 2.28 -25.42
N ASP B 443 8.67 2.66 -26.25
CA ASP B 443 8.15 4.01 -26.22
C ASP B 443 7.24 4.08 -25.01
N GLU B 444 7.61 4.87 -24.02
CA GLU B 444 6.88 4.93 -22.77
C GLU B 444 5.52 5.59 -22.98
N THR B 445 5.48 6.55 -23.91
CA THR B 445 4.25 7.23 -24.25
C THR B 445 3.27 6.27 -24.90
N GLN B 446 3.77 5.49 -25.85
CA GLN B 446 2.93 4.52 -26.53
C GLN B 446 2.46 3.47 -25.55
N ARG B 447 3.36 3.03 -24.67
CA ARG B 447 2.97 2.03 -23.66
C ARG B 447 1.73 2.48 -22.85
N GLN B 448 1.74 3.73 -22.39
CA GLN B 448 0.62 4.27 -21.61
C GLN B 448 -0.66 4.40 -22.43
N ALA B 449 -0.52 4.85 -23.68
CA ALA B 449 -1.63 4.92 -24.62
C ALA B 449 -2.25 3.54 -24.89
N LEU B 450 -1.41 2.53 -25.11
CA LEU B 450 -1.94 1.19 -25.33
C LEU B 450 -2.66 0.64 -24.09
N TYR B 451 -2.09 0.84 -22.90
CA TYR B 451 -2.78 0.39 -21.68
C TYR B 451 -4.13 1.08 -21.55
N ARG B 452 -4.17 2.38 -21.79
CA ARG B 452 -5.44 3.11 -21.77
C ARG B 452 -6.45 2.50 -22.76
N ASP B 453 -6.03 2.23 -23.99
CA ASP B 453 -6.95 1.71 -25.00
CA ASP B 453 -6.94 1.70 -25.00
C ASP B 453 -7.44 0.30 -24.64
N ILE B 454 -6.53 -0.56 -24.19
CA ILE B 454 -6.94 -1.92 -23.82
C ILE B 454 -7.93 -1.88 -22.68
N LEU B 455 -7.55 -1.21 -21.60
CA LEU B 455 -8.36 -1.20 -20.39
C LEU B 455 -9.70 -0.50 -20.62
N THR B 456 -9.68 0.52 -21.47
CA THR B 456 -10.87 1.29 -21.75
C THR B 456 -11.86 0.46 -22.59
N ARG B 457 -11.36 -0.26 -23.59
CA ARG B 457 -12.22 -1.16 -24.38
C ARG B 457 -12.85 -2.22 -23.48
N LEU B 458 -12.04 -2.87 -22.66
CA LEU B 458 -12.57 -3.90 -21.76
C LEU B 458 -13.64 -3.32 -20.82
N HIS B 459 -13.39 -2.11 -20.33
CA HIS B 459 -14.32 -1.44 -19.43
C HIS B 459 -15.62 -1.09 -20.19
N ASP B 460 -15.48 -0.40 -21.31
CA ASP B 460 -16.64 -0.03 -22.14
C ASP B 460 -17.46 -1.23 -22.60
N GLU B 461 -16.80 -2.33 -22.91
CA GLU B 461 -17.50 -3.52 -23.38
C GLU B 461 -18.10 -4.34 -22.23
N ALA B 462 -17.92 -3.88 -21.00
CA ALA B 462 -18.51 -4.51 -19.82
C ALA B 462 -18.25 -6.01 -19.78
N VAL B 463 -17.01 -6.41 -20.06
CA VAL B 463 -16.64 -7.82 -19.99
C VAL B 463 -16.65 -8.31 -18.54
N TYR B 464 -16.31 -7.42 -17.62
CA TYR B 464 -16.25 -7.81 -16.23
C TYR B 464 -17.34 -7.12 -15.44
N LEU B 465 -17.63 -7.66 -14.26
CA LEU B 465 -18.42 -6.95 -13.27
C LEU B 465 -17.57 -6.84 -11.99
N PRO B 466 -16.80 -5.74 -11.88
CA PRO B 466 -15.93 -5.54 -10.71
C PRO B 466 -16.76 -5.52 -9.43
N ILE B 467 -16.32 -6.23 -8.41
CA ILE B 467 -17.06 -6.28 -7.14
C ILE B 467 -16.30 -5.54 -6.06
N SER B 468 -15.11 -6.02 -5.74
CA SER B 468 -14.35 -5.39 -4.67
C SER B 468 -12.86 -5.45 -4.90
N TYR B 469 -12.13 -4.58 -4.21
CA TYR B 469 -10.68 -4.71 -4.11
C TYR B 469 -10.41 -5.32 -2.75
N ILE B 470 -9.77 -6.49 -2.75
CA ILE B 470 -9.65 -7.25 -1.52
C ILE B 470 -8.25 -7.09 -0.90
N SER B 471 -8.14 -7.34 0.40
CA SER B 471 -6.87 -7.21 1.09
C SER B 471 -6.33 -8.57 1.58
N MET B 472 -5.04 -8.61 1.92
CA MET B 472 -4.49 -9.71 2.71
C MET B 472 -5.01 -9.57 4.12
N MET B 473 -5.26 -10.70 4.78
CA MET B 473 -5.69 -10.70 6.17
C MET B 473 -4.73 -11.57 6.98
N VAL B 474 -4.52 -11.17 8.22
CA VAL B 474 -3.64 -11.90 9.12
C VAL B 474 -4.36 -12.08 10.45
N VAL B 475 -4.24 -13.28 11.01
CA VAL B 475 -4.69 -13.55 12.37
C VAL B 475 -3.54 -14.27 13.04
N SER B 476 -3.14 -13.81 14.22
CA SER B 476 -1.95 -14.34 14.87
C SER B 476 -1.99 -14.22 16.38
N LYS B 477 -1.24 -15.09 17.05
CA LYS B 477 -1.04 -15.00 18.49
C LYS B 477 -0.30 -13.70 18.76
N PRO B 478 -0.80 -12.92 19.73
CA PRO B 478 -0.21 -11.61 20.02
C PRO B 478 1.31 -11.68 20.22
N GLU B 479 1.80 -12.75 20.85
CA GLU B 479 3.24 -12.86 21.14
C GLU B 479 4.14 -12.77 19.90
N LEU B 480 3.60 -13.04 18.71
CA LEU B 480 4.41 -12.99 17.50
C LEU B 480 4.61 -11.56 16.99
N GLY B 481 3.76 -10.65 17.48
CA GLY B 481 3.86 -9.26 17.11
C GLY B 481 3.28 -8.92 15.74
N ASN B 482 3.58 -7.72 15.26
CA ASN B 482 3.16 -7.29 13.93
C ASN B 482 3.72 -8.23 12.86
N ILE B 483 2.89 -8.62 11.89
CA ILE B 483 3.36 -9.49 10.82
C ILE B 483 3.50 -8.68 9.54
N PRO B 484 4.70 -8.67 8.95
CA PRO B 484 4.96 -7.97 7.67
C PRO B 484 4.27 -8.65 6.48
N TYR B 485 4.04 -7.90 5.40
CA TYR B 485 3.46 -8.45 4.19
C TYR B 485 4.54 -8.68 3.14
N ALA B 486 4.53 -9.84 2.51
CA ALA B 486 5.41 -10.06 1.37
C ALA B 486 4.81 -9.32 0.18
N PRO B 487 5.65 -8.64 -0.60
CA PRO B 487 5.12 -7.81 -1.69
C PRO B 487 4.44 -8.61 -2.78
N ILE B 488 4.85 -9.88 -2.95
CA ILE B 488 4.11 -10.77 -3.83
C ILE B 488 2.98 -11.47 -3.09
N ALA B 489 1.75 -11.25 -3.55
CA ALA B 489 0.54 -11.65 -2.83
C ALA B 489 0.42 -13.14 -2.49
N THR B 490 1.06 -14.01 -3.28
CA THR B 490 1.02 -15.44 -3.01
C THR B 490 2.10 -15.89 -2.05
N GLU B 491 2.98 -14.97 -1.68
CA GLU B 491 4.07 -15.31 -0.77
C GLU B 491 3.77 -14.97 0.69
N ILE B 492 4.29 -15.79 1.59
CA ILE B 492 4.14 -15.59 3.03
C ILE B 492 5.53 -15.42 3.63
N PRO B 493 5.76 -14.28 4.29
CA PRO B 493 7.09 -13.84 4.75
C PRO B 493 7.52 -14.58 6.03
N PHE B 494 7.50 -15.90 5.98
CA PHE B 494 7.87 -16.72 7.13
C PHE B 494 9.25 -16.42 7.69
N GLU B 495 10.18 -16.05 6.81
CA GLU B 495 11.56 -15.79 7.21
C GLU B 495 11.68 -14.53 8.07
N GLN B 496 10.56 -13.82 8.25
CA GLN B 496 10.56 -12.58 9.01
C GLN B 496 9.86 -12.71 10.39
N ILE B 497 9.28 -13.87 10.65
CA ILE B 497 8.57 -14.06 11.91
C ILE B 497 9.56 -14.34 13.04
N LYS B 498 9.29 -13.76 14.21
CA LYS B 498 10.17 -13.88 15.37
C LYS B 498 9.42 -14.51 16.54
N PRO B 499 9.87 -15.69 17.00
CA PRO B 499 9.19 -16.36 18.11
C PRO B 499 9.50 -15.71 19.46
N VAL B 500 8.88 -16.22 20.53
CA VAL B 500 9.10 -15.73 21.90
C VAL B 500 8.15 -14.57 22.23
#